data_9GEO
#
_entry.id   9GEO
#
_cell.length_a   1.00
_cell.length_b   1.00
_cell.length_c   1.00
_cell.angle_alpha   90.00
_cell.angle_beta   90.00
_cell.angle_gamma   90.00
#
_symmetry.space_group_name_H-M   'P 1'
#
loop_
_entity.id
_entity.type
_entity.pdbx_description
1 polymer 'Histone H3.2'
2 polymer 'Histone H4'
3 polymer 'Histone H2A type 1'
4 polymer 'Histone H2B 1.1'
5 polymer 'Widom-601 DNA (145-MER)'
6 polymer 'Widom-601 DNA (145-MER)'
7 water water
#
loop_
_entity_poly.entity_id
_entity_poly.type
_entity_poly.pdbx_seq_one_letter_code
_entity_poly.pdbx_strand_id
1 'polypeptide(L)'
;KPHRYRPGTVALREIRRYQKSTELLIRKLPFQRLVREIAQDFKTDLRFQSSAVMALQEASEAYLVALFEDTNLCAIHAKR
VTIMPKDIQLARRIRGERA
;
A,E
2 'polypeptide(L)'
;KRHRKVLRDNIQGITKPAIRRLARRGGVKRISGLIYEETRGVLKVFLENVIRDAVTYTEHAKRKTVTAMDVVYALKRQGR
TLYGFGG
;
B,F
3 'polypeptide(L)'
;TRAKAKTRSSRAGLQFPVGRVHRLLRKGNYAERVGAGAPVYLAAVLEYLTAEILELAGNAARDNKKTRIIPRHLQLAVRN
DEELNKLLGRVTIAQGGVLPNIQSVLLPKKT
;
C,G
4 'polypeptide(L)'
;RRKTRKESYAIYVYKVLKQVHPDTGISSKAMSIMNSFVNDVFERIAGEASRLAHYNKRSTITSREIQTAVRLLLPGELAK
HAVSEGTKAVTKYTSA
;
D,H
5 'polydeoxyribonucleotide'
;(DA)(DT)(DC)(DG)(DG)(DA)(DT)(DG)(DT)(DA)(DT)(DA)(DT)(DA)(DT)(DC)(DT)(DG)(DA)(DC)
(DA)(DC)(DG)(DT)(DG)(DC)(DC)(DT)(DG)(DG)(DA)(DG)(DA)(DC)(DT)(DA)(DG)(DG)(DG)(DA)
(DG)(DT)(DA)(DA)(DT)(DC)(DC)(DC)(DC)(DT)(DT)(DG)(DG)(DC)(DG)(DG)(DT)(DT)(DA)(DA)
(DA)(DA)(DC)(DG)(DC)(DG)(DG)(DG)(DG)(DG)(DA)(DC)(DA)(DG)(DC)(DG)(DC)(DG)(DT)(DA)
(DC)(DG)(DT)(DG)(DC)(DG)(DT)(DT)(DT)(DA)(DA)(DG)(DC)(DG)(DG)(DT)(DG)(DC)(DT)(DA)
(DG)(DA)(DG)(DC)(DT)(DG)(DT)(DC)(DT)(DA)(DC)(DG)(DA)(DC)(DC)(DA)(DA)(DT)(DT)(DG)
(DA)(DG)(DC)(DG)(DG)(DC)(DC)(DT)(DC)(DG)(DG)(DC)(DA)(DC)(DC)(DG)(DG)(DG)(DA)(DT)
(DT)(DC)(DT)(DC)(DG)(DA)(DT)
;
I
6 'polydeoxyribonucleotide'
;(DA)(DT)(DC)(DG)(DA)(DG)(DA)(DA)(DT)(DC)(DC)(DC)(DG)(DG)(DT)(DG)(DC)(DC)(DG)(DA)
(DG)(DG)(DC)(DC)(DG)(DC)(DT)(DC)(DA)(DA)(DT)(DT)(DG)(DG)(DT)(DC)(DG)(DT)(DA)(DG)
(DA)(DC)(DA)(DG)(DC)(DT)(DC)(DT)(DA)(DG)(DC)(DA)(DC)(DC)(DG)(DC)(DT)(DT)(DA)(DA)
(DA)(DC)(DG)(DC)(DA)(DC)(DG)(DT)(DA)(DC)(DG)(DC)(DG)(DC)(DT)(DG)(DT)(DC)(DC)(DC)
(DC)(DC)(DG)(DC)(DG)(DT)(DT)(DT)(DT)(DA)(DA)(DC)(DC)(DG)(DC)(DC)(DA)(DA)(DG)(DG)
(DG)(DG)(DA)(DT)(DT)(DA)(DC)(DT)(DC)(DC)(DC)(DT)(DA)(DG)(DT)(DC)(DT)(DC)(DC)(DA)
(DG)(DG)(DC)(DA)(DC)(DG)(DT)(DG)(DT)(DC)(DA)(DG)(DA)(DT)(DA)(DT)(DA)(DT)(DA)(DC)
(DA)(DT)(DC)(DC)(DG)(DA)(DT)
;
J
#
# COMPACT_ATOMS: atom_id res chain seq x y z
N HIS A 3 -28.00 12.30 44.13
CA HIS A 3 -26.70 12.40 43.48
C HIS A 3 -26.84 12.42 41.96
N ARG A 4 -25.96 13.18 41.30
CA ARG A 4 -25.97 13.27 39.85
C ARG A 4 -24.60 13.75 39.39
N TYR A 5 -23.99 13.00 38.48
CA TYR A 5 -22.71 13.40 37.92
C TYR A 5 -22.92 14.43 36.81
N ARG A 6 -21.93 15.29 36.64
CA ARG A 6 -22.00 16.34 35.63
C ARG A 6 -21.81 15.75 34.23
N PRO A 7 -22.32 16.44 33.20
CA PRO A 7 -22.49 15.79 31.90
C PRO A 7 -21.22 15.33 31.20
N GLY A 8 -20.06 15.39 31.83
CA GLY A 8 -18.87 14.87 31.17
C GLY A 8 -18.16 13.76 31.91
N THR A 9 -18.51 13.56 33.18
CA THR A 9 -17.76 12.65 34.04
C THR A 9 -17.89 11.21 33.58
N VAL A 10 -19.12 10.75 33.36
CA VAL A 10 -19.34 9.35 33.02
C VAL A 10 -18.77 9.04 31.65
N ALA A 11 -18.81 10.00 30.73
CA ALA A 11 -18.23 9.80 29.40
C ALA A 11 -16.72 9.56 29.50
N LEU A 12 -16.03 10.34 30.33
CA LEU A 12 -14.60 10.12 30.53
C LEU A 12 -14.33 8.79 31.22
N ARG A 13 -15.20 8.41 32.16
CA ARG A 13 -15.06 7.10 32.81
C ARG A 13 -15.16 5.97 31.80
N GLU A 14 -16.12 6.06 30.88
CA GLU A 14 -16.25 5.03 29.84
C GLU A 14 -15.08 5.08 28.86
N ILE A 15 -14.56 6.27 28.56
CA ILE A 15 -13.37 6.32 27.69
C ILE A 15 -12.23 5.55 28.33
N ARG A 16 -12.00 5.79 29.63
CA ARG A 16 -10.95 5.08 30.34
C ARG A 16 -11.23 3.58 30.40
N ARG A 17 -12.50 3.21 30.57
CA ARG A 17 -12.85 1.80 30.70
C ARG A 17 -12.65 1.04 29.40
N TYR A 18 -13.12 1.60 28.28
CA TYR A 18 -13.01 0.89 27.00
C TYR A 18 -11.66 1.06 26.33
N GLN A 19 -10.84 2.02 26.74
CA GLN A 19 -9.47 2.05 26.27
C GLN A 19 -8.55 1.14 27.06
N LYS A 20 -9.06 0.54 28.14
CA LYS A 20 -8.29 -0.37 28.97
C LYS A 20 -8.57 -1.83 28.63
N SER A 21 -9.68 -2.11 27.96
CA SER A 21 -10.12 -3.46 27.64
C SER A 21 -9.79 -3.79 26.18
N THR A 22 -9.93 -5.07 25.85
CA THR A 22 -9.67 -5.57 24.50
C THR A 22 -10.86 -6.31 23.92
N GLU A 23 -12.01 -6.28 24.59
CA GLU A 23 -13.19 -7.02 24.16
C GLU A 23 -13.78 -6.41 22.89
N LEU A 24 -14.64 -7.18 22.24
CA LEU A 24 -15.38 -6.68 21.08
C LEU A 24 -16.62 -5.95 21.56
N LEU A 25 -16.90 -4.80 20.96
CA LEU A 25 -17.91 -3.88 21.47
C LEU A 25 -19.24 -3.96 20.73
N ILE A 26 -19.31 -4.71 19.64
CA ILE A 26 -20.57 -4.96 18.92
C ILE A 26 -21.09 -6.33 19.33
N ARG A 27 -22.41 -6.44 19.43
CA ARG A 27 -23.03 -7.72 19.72
C ARG A 27 -22.80 -8.69 18.57
N LYS A 28 -22.53 -9.96 18.91
CA LYS A 28 -22.04 -10.90 17.90
C LYS A 28 -23.14 -11.37 16.96
N LEU A 29 -24.33 -11.64 17.48
CA LEU A 29 -25.43 -12.13 16.62
C LEU A 29 -25.88 -11.09 15.61
N PRO A 30 -26.14 -9.82 15.97
CA PRO A 30 -26.47 -8.83 14.94
C PRO A 30 -25.38 -8.66 13.89
N PHE A 31 -24.11 -8.68 14.29
CA PHE A 31 -23.04 -8.53 13.32
C PHE A 31 -22.99 -9.73 12.37
N GLN A 32 -23.19 -10.94 12.89
CA GLN A 32 -23.20 -12.11 12.03
C GLN A 32 -24.35 -12.06 11.04
N ARG A 33 -25.53 -11.63 11.49
CA ARG A 33 -26.66 -11.49 10.58
C ARG A 33 -26.37 -10.44 9.50
N LEU A 34 -25.74 -9.34 9.89
CA LEU A 34 -25.38 -8.32 8.91
C LEU A 34 -24.38 -8.86 7.89
N VAL A 35 -23.40 -9.64 8.35
CA VAL A 35 -22.40 -10.21 7.44
C VAL A 35 -23.07 -11.15 6.44
N ARG A 36 -23.96 -12.02 6.92
CA ARG A 36 -24.66 -12.93 6.02
C ARG A 36 -25.55 -12.17 5.03
N GLU A 37 -26.23 -11.14 5.51
CA GLU A 37 -27.08 -10.34 4.63
C GLU A 37 -26.26 -9.65 3.54
N ILE A 38 -25.10 -9.11 3.89
CA ILE A 38 -24.24 -8.49 2.89
C ILE A 38 -23.73 -9.53 1.90
N ALA A 39 -23.32 -10.70 2.40
CA ALA A 39 -22.78 -11.73 1.53
C ALA A 39 -23.83 -12.33 0.61
N GLN A 40 -25.11 -12.19 0.95
CA GLN A 40 -26.17 -12.70 0.09
C GLN A 40 -26.13 -12.09 -1.31
N ASP A 41 -25.58 -10.88 -1.43
CA ASP A 41 -25.58 -10.18 -2.71
C ASP A 41 -24.44 -10.59 -3.64
N PHE A 42 -23.50 -11.42 -3.17
CA PHE A 42 -22.39 -11.86 -3.99
C PHE A 42 -22.50 -13.32 -4.40
N LYS A 43 -22.95 -14.19 -3.50
CA LYS A 43 -23.17 -15.59 -3.82
C LYS A 43 -24.31 -16.10 -2.94
N THR A 44 -25.21 -16.86 -3.55
CA THR A 44 -26.35 -17.41 -2.83
C THR A 44 -25.98 -18.74 -2.18
N ASP A 45 -26.64 -19.03 -1.06
CA ASP A 45 -26.41 -20.25 -0.28
C ASP A 45 -24.94 -20.35 0.13
N LEU A 46 -24.51 -19.39 0.94
CA LEU A 46 -23.14 -19.31 1.45
C LEU A 46 -23.08 -19.78 2.89
N ARG A 47 -21.97 -20.42 3.24
CA ARG A 47 -21.69 -20.83 4.61
C ARG A 47 -20.47 -20.07 5.11
N PHE A 48 -20.44 -19.81 6.41
CA PHE A 48 -19.37 -19.06 7.04
C PHE A 48 -18.80 -19.86 8.21
N GLN A 49 -17.48 -19.94 8.27
CA GLN A 49 -16.84 -20.42 9.48
C GLN A 49 -17.00 -19.40 10.60
N SER A 50 -17.05 -19.89 11.83
CA SER A 50 -17.12 -18.97 12.96
C SER A 50 -15.89 -18.09 13.01
N SER A 51 -14.73 -18.64 12.64
CA SER A 51 -13.50 -17.86 12.59
C SER A 51 -13.59 -16.75 11.55
N ALA A 52 -14.29 -17.01 10.44
CA ALA A 52 -14.41 -16.00 9.39
C ALA A 52 -15.19 -14.78 9.90
N VAL A 53 -16.32 -15.02 10.56
CA VAL A 53 -17.11 -13.92 11.10
C VAL A 53 -16.36 -13.23 12.23
N MET A 54 -15.61 -13.99 13.03
CA MET A 54 -14.84 -13.39 14.10
C MET A 54 -13.74 -12.48 13.55
N ALA A 55 -13.07 -12.92 12.49
CA ALA A 55 -12.06 -12.09 11.83
C ALA A 55 -12.68 -10.85 11.23
N LEU A 56 -13.85 -10.99 10.61
CA LEU A 56 -14.55 -9.82 10.07
C LEU A 56 -14.90 -8.83 11.16
N GLN A 57 -15.37 -9.32 12.31
CA GLN A 57 -15.71 -8.42 13.41
C GLN A 57 -14.48 -7.72 13.97
N GLU A 58 -13.37 -8.45 14.14
CA GLU A 58 -12.15 -7.82 14.64
C GLU A 58 -11.68 -6.72 13.69
N ALA A 59 -11.66 -7.02 12.38
CA ALA A 59 -11.23 -6.04 11.40
C ALA A 59 -12.15 -4.83 11.37
N SER A 60 -13.47 -5.06 11.42
CA SER A 60 -14.43 -3.97 11.37
C SER A 60 -14.31 -3.07 12.59
N GLU A 61 -14.17 -3.67 13.77
CA GLU A 61 -14.06 -2.87 14.99
C GLU A 61 -12.76 -2.08 15.02
N ALA A 62 -11.65 -2.69 14.58
CA ALA A 62 -10.40 -1.96 14.50
C ALA A 62 -10.51 -0.79 13.53
N TYR A 63 -11.12 -1.01 12.38
CA TYR A 63 -11.30 0.05 11.40
C TYR A 63 -12.14 1.20 11.98
N LEU A 64 -13.24 0.86 12.66
CA LEU A 64 -14.12 1.88 13.20
C LEU A 64 -13.44 2.67 14.32
N VAL A 65 -12.66 1.99 15.17
CA VAL A 65 -11.97 2.69 16.24
C VAL A 65 -10.91 3.65 15.69
N ALA A 66 -10.14 3.20 14.68
CA ALA A 66 -9.17 4.10 14.06
C ALA A 66 -9.85 5.28 13.37
N LEU A 67 -10.98 5.03 12.70
CA LEU A 67 -11.72 6.10 12.07
C LEU A 67 -12.24 7.09 13.11
N PHE A 68 -12.65 6.60 14.27
CA PHE A 68 -13.13 7.50 15.32
C PHE A 68 -11.99 8.31 15.92
N GLU A 69 -10.78 7.75 15.98
CA GLU A 69 -9.63 8.54 16.41
C GLU A 69 -9.37 9.69 15.43
N ASP A 70 -9.35 9.39 14.13
CA ASP A 70 -9.16 10.45 13.14
C ASP A 70 -10.28 11.47 13.20
N THR A 71 -11.52 11.00 13.41
CA THR A 71 -12.67 11.88 13.51
C THR A 71 -12.56 12.80 14.72
N ASN A 72 -12.08 12.28 15.85
CA ASN A 72 -11.87 13.12 17.03
C ASN A 72 -10.81 14.17 16.77
N LEU A 73 -9.74 13.80 16.05
CA LEU A 73 -8.73 14.79 15.69
C LEU A 73 -9.34 15.90 14.82
N CYS A 74 -10.18 15.53 13.86
CA CYS A 74 -10.83 16.52 13.01
C CYS A 74 -11.76 17.42 13.81
N ALA A 75 -12.49 16.86 14.77
CA ALA A 75 -13.37 17.67 15.61
C ALA A 75 -12.59 18.65 16.46
N ILE A 76 -11.47 18.21 17.02
CA ILE A 76 -10.64 19.10 17.84
C ILE A 76 -10.00 20.18 16.97
N HIS A 77 -9.67 19.85 15.72
CA HIS A 77 -9.16 20.86 14.80
C HIS A 77 -10.12 22.03 14.64
N ALA A 78 -11.41 21.74 14.55
CA ALA A 78 -12.45 22.75 14.39
C ALA A 78 -12.89 23.37 15.72
N LYS A 79 -12.07 23.22 16.76
CA LYS A 79 -12.36 23.81 18.08
C LYS A 79 -13.69 23.32 18.64
N ARG A 80 -13.95 22.01 18.49
CA ARG A 80 -15.15 21.38 19.01
C ARG A 80 -14.75 20.20 19.90
N VAL A 81 -15.68 19.79 20.76
CA VAL A 81 -15.54 18.55 21.51
C VAL A 81 -16.58 17.52 21.11
N THR A 82 -17.60 17.90 20.34
CA THR A 82 -18.61 17.00 19.85
C THR A 82 -18.21 16.46 18.49
N ILE A 83 -18.49 15.19 18.26
CA ILE A 83 -18.12 14.52 17.02
C ILE A 83 -19.30 14.63 16.05
N MET A 84 -18.99 14.91 14.79
CA MET A 84 -20.00 15.22 13.78
C MET A 84 -19.71 14.46 12.50
N PRO A 85 -20.73 14.26 11.65
CA PRO A 85 -20.51 13.52 10.40
C PRO A 85 -19.50 14.17 9.47
N LYS A 86 -19.40 15.49 9.47
CA LYS A 86 -18.42 16.15 8.60
C LYS A 86 -17.00 15.80 8.99
N ASP A 87 -16.77 15.53 10.28
CA ASP A 87 -15.44 15.06 10.70
C ASP A 87 -15.15 13.67 10.16
N ILE A 88 -16.14 12.78 10.15
CA ILE A 88 -15.96 11.47 9.54
C ILE A 88 -15.64 11.62 8.07
N GLN A 89 -16.37 12.50 7.38
CA GLN A 89 -16.14 12.69 5.96
C GLN A 89 -14.76 13.27 5.68
N LEU A 90 -14.30 14.23 6.48
CA LEU A 90 -12.98 14.78 6.28
C LEU A 90 -11.90 13.74 6.53
N ALA A 91 -12.05 12.93 7.58
CA ALA A 91 -11.07 11.88 7.84
C ALA A 91 -11.02 10.88 6.70
N ARG A 92 -12.18 10.46 6.20
CA ARG A 92 -12.21 9.49 5.12
C ARG A 92 -11.67 10.06 3.82
N ARG A 93 -11.86 11.37 3.60
CA ARG A 93 -11.31 12.01 2.41
C ARG A 93 -9.80 12.12 2.47
N ILE A 94 -9.26 12.53 3.63
CA ILE A 94 -7.81 12.66 3.74
C ILE A 94 -7.14 11.29 3.70
N ARG A 95 -7.77 10.28 4.29
CA ARG A 95 -7.20 8.93 4.25
C ARG A 95 -7.08 8.43 2.82
N GLY A 96 -8.10 8.69 2.00
CA GLY A 96 -8.07 8.26 0.61
C GLY A 96 -9.18 7.28 0.29
N GLU A 97 -10.12 7.12 1.22
CA GLU A 97 -11.22 6.20 1.02
C GLU A 97 -12.32 6.83 0.16
N ARG A 98 -12.91 7.92 0.65
CA ARG A 98 -13.89 8.65 -0.14
C ARG A 98 -13.26 9.67 -1.07
N ALA A 99 -11.94 9.82 -1.02
CA ALA A 99 -11.23 10.68 -1.98
C ALA A 99 -11.16 10.00 -3.34
N ARG B 8 -34.37 -7.26 5.04
CA ARG B 8 -33.71 -7.36 6.34
C ARG B 8 -32.92 -6.10 6.65
N ASP B 9 -33.31 -5.40 7.71
CA ASP B 9 -32.57 -4.22 8.17
C ASP B 9 -31.66 -4.62 9.33
N ASN B 10 -30.65 -5.42 8.99
CA ASN B 10 -29.70 -5.91 9.98
C ASN B 10 -28.60 -4.92 10.28
N ILE B 11 -28.47 -3.84 9.50
CA ILE B 11 -27.56 -2.77 9.84
C ILE B 11 -28.04 -2.02 11.08
N GLN B 12 -29.34 -2.07 11.37
CA GLN B 12 -29.87 -1.49 12.60
C GLN B 12 -29.59 -2.33 13.82
N GLY B 13 -29.07 -3.55 13.65
CA GLY B 13 -28.60 -4.35 14.76
C GLY B 13 -27.29 -3.85 15.35
N ILE B 14 -26.57 -3.00 14.62
CA ILE B 14 -25.42 -2.29 15.17
C ILE B 14 -26.00 -1.04 15.82
N THR B 15 -26.23 -1.12 17.12
CA THR B 15 -27.07 -0.17 17.83
C THR B 15 -26.31 1.10 18.15
N LYS B 16 -27.04 2.09 18.64
CA LYS B 16 -26.43 3.34 19.09
C LYS B 16 -25.50 3.13 20.28
N PRO B 17 -25.85 2.35 21.32
CA PRO B 17 -24.87 2.09 22.39
C PRO B 17 -23.60 1.40 21.91
N ALA B 18 -23.70 0.51 20.92
CA ALA B 18 -22.51 -0.14 20.39
C ALA B 18 -21.59 0.85 19.69
N ILE B 19 -22.16 1.76 18.89
CA ILE B 19 -21.37 2.79 18.23
C ILE B 19 -20.77 3.73 19.25
N ARG B 20 -21.51 4.03 20.32
CA ARG B 20 -20.98 4.86 21.39
C ARG B 20 -19.81 4.20 22.10
N ARG B 21 -19.89 2.88 22.31
CA ARG B 21 -18.76 2.15 22.88
C ARG B 21 -17.54 2.19 21.96
N LEU B 22 -17.77 2.00 20.66
CA LEU B 22 -16.68 2.09 19.70
C LEU B 22 -16.07 3.47 19.67
N ALA B 23 -16.87 4.51 19.92
CA ALA B 23 -16.35 5.88 19.96
C ALA B 23 -15.58 6.13 21.25
N ARG B 24 -16.04 5.56 22.37
CA ARG B 24 -15.32 5.70 23.63
C ARG B 24 -13.96 5.02 23.58
N ARG B 25 -13.87 3.86 22.92
CA ARG B 25 -12.56 3.25 22.72
C ARG B 25 -11.66 4.12 21.85
N GLY B 26 -12.23 4.84 20.89
CA GLY B 26 -11.49 5.77 20.07
C GLY B 26 -11.20 7.11 20.72
N GLY B 27 -11.68 7.32 21.94
CA GLY B 27 -11.39 8.52 22.69
C GLY B 27 -12.40 9.63 22.56
N VAL B 28 -13.57 9.36 22.00
CA VAL B 28 -14.56 10.40 21.75
C VAL B 28 -15.38 10.64 23.01
N LYS B 29 -15.52 11.91 23.39
CA LYS B 29 -16.23 12.30 24.60
C LYS B 29 -17.69 12.66 24.35
N ARG B 30 -17.98 13.40 23.29
CA ARG B 30 -19.33 13.83 22.96
C ARG B 30 -19.64 13.44 21.53
N ILE B 31 -20.88 13.01 21.28
CA ILE B 31 -21.27 12.44 19.99
C ILE B 31 -22.55 13.12 19.52
N SER B 32 -22.60 13.48 18.24
CA SER B 32 -23.79 14.04 17.64
C SER B 32 -24.81 12.93 17.34
N GLY B 33 -26.08 13.33 17.22
CA GLY B 33 -27.14 12.37 17.00
C GLY B 33 -27.19 11.81 15.60
N LEU B 34 -26.49 12.44 14.65
CA LEU B 34 -26.45 11.99 13.27
C LEU B 34 -25.24 11.12 12.99
N ILE B 35 -24.46 10.76 14.01
CA ILE B 35 -23.22 10.04 13.82
C ILE B 35 -23.50 8.56 13.58
N TYR B 36 -24.63 8.06 14.09
CA TYR B 36 -24.89 6.63 14.05
C TYR B 36 -25.22 6.15 12.65
N GLU B 37 -26.05 6.91 11.91
CA GLU B 37 -26.35 6.54 10.53
C GLU B 37 -25.12 6.61 9.65
N GLU B 38 -24.30 7.65 9.83
CA GLU B 38 -23.06 7.76 9.07
C GLU B 38 -22.12 6.60 9.37
N THR B 39 -22.00 6.22 10.64
CA THR B 39 -21.14 5.10 11.02
C THR B 39 -21.66 3.80 10.43
N ARG B 40 -22.99 3.63 10.40
CA ARG B 40 -23.56 2.43 9.78
C ARG B 40 -23.25 2.38 8.29
N GLY B 41 -23.31 3.51 7.61
CA GLY B 41 -22.95 3.53 6.20
C GLY B 41 -21.49 3.18 5.95
N VAL B 42 -20.59 3.75 6.76
CA VAL B 42 -19.16 3.45 6.61
C VAL B 42 -18.89 1.97 6.87
N LEU B 43 -19.50 1.42 7.92
CA LEU B 43 -19.32 0.00 8.22
C LEU B 43 -19.84 -0.88 7.10
N LYS B 44 -21.00 -0.51 6.53
CA LYS B 44 -21.57 -1.29 5.45
C LYS B 44 -20.65 -1.30 4.23
N VAL B 45 -20.09 -0.14 3.88
CA VAL B 45 -19.21 -0.09 2.71
C VAL B 45 -17.95 -0.92 2.94
N PHE B 46 -17.35 -0.78 4.13
CA PHE B 46 -16.15 -1.55 4.45
C PHE B 46 -16.42 -3.05 4.37
N LEU B 47 -17.52 -3.49 4.98
CA LEU B 47 -17.87 -4.90 4.99
C LEU B 47 -18.17 -5.41 3.59
N GLU B 48 -18.84 -4.58 2.76
CA GLU B 48 -19.12 -4.99 1.39
C GLU B 48 -17.84 -5.25 0.61
N ASN B 49 -16.87 -4.34 0.73
CA ASN B 49 -15.60 -4.54 0.03
C ASN B 49 -14.91 -5.83 0.49
N VAL B 50 -14.77 -6.00 1.80
CA VAL B 50 -14.04 -7.16 2.31
C VAL B 50 -14.76 -8.46 1.95
N ILE B 51 -16.09 -8.49 2.09
CA ILE B 51 -16.84 -9.70 1.84
C ILE B 51 -16.83 -10.04 0.34
N ARG B 52 -16.89 -9.01 -0.52
CA ARG B 52 -16.78 -9.29 -1.95
C ARG B 52 -15.45 -9.94 -2.29
N ASP B 53 -14.36 -9.42 -1.74
CA ASP B 53 -13.05 -10.03 -2.02
C ASP B 53 -12.97 -11.45 -1.46
N ALA B 54 -13.49 -11.66 -0.23
CA ALA B 54 -13.45 -12.97 0.39
C ALA B 54 -14.25 -13.99 -0.40
N VAL B 55 -15.42 -13.58 -0.90
CA VAL B 55 -16.23 -14.49 -1.70
C VAL B 55 -15.57 -14.78 -3.05
N THR B 56 -14.90 -13.79 -3.65
CA THR B 56 -14.13 -14.08 -4.87
C THR B 56 -13.08 -15.16 -4.61
N TYR B 57 -12.36 -15.03 -3.50
CA TYR B 57 -11.40 -16.05 -3.11
C TYR B 57 -12.08 -17.40 -2.89
N THR B 58 -13.27 -17.38 -2.29
CA THR B 58 -13.99 -18.62 -2.01
C THR B 58 -14.40 -19.33 -3.29
N GLU B 59 -14.95 -18.60 -4.26
CA GLU B 59 -15.37 -19.24 -5.50
C GLU B 59 -14.18 -19.70 -6.33
N HIS B 60 -13.04 -19.00 -6.27
CA HIS B 60 -11.89 -19.51 -7.01
C HIS B 60 -11.48 -20.90 -6.50
N ALA B 61 -11.55 -21.11 -5.19
CA ALA B 61 -11.21 -22.41 -4.61
C ALA B 61 -12.30 -23.44 -4.81
N LYS B 62 -13.40 -23.09 -5.48
CA LYS B 62 -14.53 -23.99 -5.72
C LYS B 62 -15.13 -24.49 -4.41
N ARG B 63 -15.44 -23.54 -3.53
CA ARG B 63 -15.97 -23.84 -2.21
C ARG B 63 -17.28 -23.10 -2.01
N LYS B 64 -18.12 -23.66 -1.12
CA LYS B 64 -19.35 -23.00 -0.71
C LYS B 64 -19.25 -22.37 0.67
N THR B 65 -18.14 -22.59 1.38
CA THR B 65 -17.94 -22.07 2.72
C THR B 65 -16.86 -21.00 2.68
N VAL B 66 -17.14 -19.85 3.28
CA VAL B 66 -16.14 -18.79 3.41
C VAL B 66 -15.31 -19.08 4.67
N THR B 67 -14.00 -19.22 4.47
CA THR B 67 -13.08 -19.55 5.54
C THR B 67 -12.42 -18.28 6.07
N ALA B 68 -11.78 -18.42 7.24
CA ALA B 68 -11.06 -17.28 7.83
C ALA B 68 -9.87 -16.89 6.99
N MET B 69 -9.28 -17.85 6.26
CA MET B 69 -8.13 -17.54 5.43
C MET B 69 -8.54 -16.68 4.23
N ASP B 70 -9.75 -16.90 3.71
CA ASP B 70 -10.28 -16.03 2.66
C ASP B 70 -10.42 -14.61 3.14
N VAL B 71 -10.92 -14.42 4.36
CA VAL B 71 -11.03 -13.09 4.96
C VAL B 71 -9.65 -12.48 5.14
N VAL B 72 -8.68 -13.28 5.59
CA VAL B 72 -7.34 -12.77 5.82
C VAL B 72 -6.69 -12.33 4.51
N TYR B 73 -6.86 -13.13 3.45
CA TYR B 73 -6.34 -12.75 2.13
C TYR B 73 -7.02 -11.49 1.61
N ALA B 74 -8.34 -11.41 1.79
CA ALA B 74 -9.08 -10.23 1.35
C ALA B 74 -8.62 -8.98 2.07
N LEU B 75 -8.36 -9.09 3.37
CA LEU B 75 -7.88 -7.95 4.13
C LEU B 75 -6.46 -7.56 3.73
N LYS B 76 -5.58 -8.55 3.49
CA LYS B 76 -4.23 -8.25 3.06
C LYS B 76 -4.22 -7.59 1.69
N ARG B 77 -5.18 -7.95 0.83
CA ARG B 77 -5.35 -7.25 -0.43
C ARG B 77 -5.72 -5.78 -0.23
N GLN B 78 -6.57 -5.49 0.75
CA GLN B 78 -7.01 -4.14 1.07
C GLN B 78 -5.94 -3.33 1.79
N GLY B 79 -4.81 -3.93 2.13
CA GLY B 79 -3.81 -3.25 2.92
C GLY B 79 -4.16 -3.18 4.39
N ARG B 80 -4.82 -4.22 4.91
CA ARG B 80 -5.32 -4.25 6.28
C ARG B 80 -4.98 -5.58 6.94
N THR B 81 -3.70 -5.96 6.85
CA THR B 81 -3.21 -7.21 7.42
C THR B 81 -3.72 -7.43 8.83
N LEU B 82 -4.22 -8.64 9.10
CA LEU B 82 -4.76 -9.01 10.40
C LEU B 82 -4.00 -10.21 10.94
N TYR B 83 -3.50 -10.07 12.17
CA TYR B 83 -2.76 -11.13 12.84
C TYR B 83 -3.68 -11.86 13.82
N GLY B 84 -3.56 -13.18 13.87
CA GLY B 84 -4.27 -13.98 14.85
C GLY B 84 -5.30 -14.93 14.31
N PHE B 85 -5.53 -15.00 13.00
CA PHE B 85 -6.51 -15.92 12.42
C PHE B 85 -5.90 -16.79 11.33
N GLY B 86 -4.56 -16.85 11.27
CA GLY B 86 -3.88 -17.58 10.21
C GLY B 86 -3.07 -16.64 9.34
N ARG C 2 7.34 -27.93 -43.70
CA ARG C 2 6.68 -27.39 -42.50
C ARG C 2 5.33 -26.78 -42.88
N ALA C 3 5.09 -25.56 -42.41
CA ALA C 3 3.86 -24.84 -42.72
C ALA C 3 4.09 -23.35 -42.50
N LYS C 4 3.22 -22.55 -43.10
CA LYS C 4 3.31 -21.10 -42.93
C LYS C 4 3.01 -20.74 -41.48
N ALA C 5 4.00 -20.19 -40.79
CA ALA C 5 3.87 -19.90 -39.37
C ALA C 5 2.84 -18.80 -39.14
N LYS C 6 1.94 -19.02 -38.19
CA LYS C 6 0.93 -18.05 -37.79
C LYS C 6 1.14 -17.73 -36.32
N THR C 7 1.28 -16.44 -36.00
CA THR C 7 1.47 -16.03 -34.62
C THR C 7 0.23 -16.36 -33.81
N ARG C 8 0.40 -16.63 -32.51
CA ARG C 8 -0.71 -16.95 -31.64
C ARG C 8 -1.61 -15.75 -31.37
N SER C 9 -1.16 -14.54 -31.65
CA SER C 9 -1.99 -13.35 -31.56
C SER C 9 -2.85 -13.19 -32.80
N SER C 10 -2.52 -13.90 -33.86
CA SER C 10 -3.36 -14.00 -35.04
C SER C 10 -4.47 -15.03 -34.87
N ARG C 11 -4.20 -16.15 -34.22
CA ARG C 11 -5.22 -17.13 -33.91
C ARG C 11 -6.22 -16.63 -32.88
N ALA C 12 -5.85 -15.66 -32.06
CA ALA C 12 -6.73 -15.10 -31.04
C ALA C 12 -7.32 -13.75 -31.44
N GLY C 13 -6.94 -13.21 -32.59
CA GLY C 13 -7.42 -11.91 -33.00
C GLY C 13 -6.98 -10.77 -32.12
N LEU C 14 -5.71 -10.74 -31.74
CA LEU C 14 -5.18 -9.74 -30.83
C LEU C 14 -4.09 -8.93 -31.51
N GLN C 15 -3.93 -7.69 -31.05
CA GLN C 15 -2.84 -6.83 -31.49
C GLN C 15 -1.68 -6.81 -30.50
N PHE C 16 -1.79 -7.54 -29.39
CA PHE C 16 -0.76 -7.67 -28.38
C PHE C 16 -0.08 -9.03 -28.49
N PRO C 17 1.19 -9.14 -28.14
CA PRO C 17 1.94 -10.39 -28.39
C PRO C 17 1.62 -11.46 -27.38
N VAL C 18 0.99 -12.54 -27.85
CA VAL C 18 0.74 -13.70 -26.98
C VAL C 18 2.05 -14.41 -26.67
N GLY C 19 2.93 -14.54 -27.66
CA GLY C 19 4.19 -15.24 -27.45
C GLY C 19 5.12 -14.53 -26.48
N ARG C 20 5.24 -13.22 -26.61
CA ARG C 20 6.10 -12.46 -25.70
C ARG C 20 5.52 -12.44 -24.29
N VAL C 21 4.19 -12.34 -24.17
CA VAL C 21 3.56 -12.39 -22.85
C VAL C 21 3.78 -13.76 -22.23
N HIS C 22 3.71 -14.83 -23.04
CA HIS C 22 3.99 -16.16 -22.52
C HIS C 22 5.43 -16.27 -22.03
N ARG C 23 6.37 -15.73 -22.80
CA ARG C 23 7.77 -15.78 -22.38
C ARG C 23 8.01 -14.98 -21.11
N LEU C 24 7.36 -13.83 -20.98
CA LEU C 24 7.52 -13.02 -19.78
C LEU C 24 6.89 -13.68 -18.57
N LEU C 25 5.77 -14.39 -18.77
CA LEU C 25 5.18 -15.16 -17.68
C LEU C 25 6.06 -16.33 -17.28
N ARG C 26 6.66 -17.01 -18.26
CA ARG C 26 7.48 -18.18 -17.98
C ARG C 26 8.79 -17.82 -17.30
N LYS C 27 9.31 -16.61 -17.55
CA LYS C 27 10.59 -16.17 -17.04
C LYS C 27 10.43 -15.00 -16.09
N GLY C 28 9.43 -15.05 -15.22
CA GLY C 28 9.17 -13.95 -14.31
C GLY C 28 8.99 -14.40 -12.88
N ASN C 29 9.16 -15.69 -12.64
CA ASN C 29 9.08 -16.27 -11.30
C ASN C 29 7.68 -16.09 -10.70
N TYR C 30 6.67 -16.52 -11.45
CA TYR C 30 5.28 -16.45 -11.01
C TYR C 30 4.72 -17.82 -10.65
N ALA C 31 5.00 -18.84 -11.45
CA ALA C 31 4.61 -20.20 -11.14
C ALA C 31 5.55 -21.14 -11.86
N GLU C 32 5.53 -22.40 -11.45
CA GLU C 32 6.38 -23.40 -12.08
C GLU C 32 5.97 -23.64 -13.53
N ARG C 33 4.67 -23.67 -13.81
CA ARG C 33 4.15 -23.90 -15.15
C ARG C 33 3.19 -22.77 -15.51
N VAL C 34 2.98 -22.59 -16.81
CA VAL C 34 2.07 -21.59 -17.35
C VAL C 34 1.22 -22.25 -18.42
N GLY C 35 -0.10 -22.06 -18.34
CA GLY C 35 -1.01 -22.66 -19.28
C GLY C 35 -0.96 -22.01 -20.65
N ALA C 36 -1.61 -22.67 -21.61
CA ALA C 36 -1.62 -22.19 -22.98
C ALA C 36 -2.57 -21.01 -23.18
N GLY C 37 -3.63 -20.93 -22.40
CA GLY C 37 -4.60 -19.86 -22.54
C GLY C 37 -4.35 -18.68 -21.62
N ALA C 38 -3.42 -18.83 -20.67
CA ALA C 38 -3.04 -17.72 -19.81
C ALA C 38 -2.45 -16.54 -20.58
N PRO C 39 -1.49 -16.73 -21.49
CA PRO C 39 -1.00 -15.58 -22.27
C PRO C 39 -2.08 -14.93 -23.11
N VAL C 40 -3.00 -15.72 -23.66
CA VAL C 40 -4.07 -15.15 -24.48
C VAL C 40 -5.00 -14.29 -23.63
N TYR C 41 -5.39 -14.80 -22.46
CA TYR C 41 -6.25 -14.04 -21.56
C TYR C 41 -5.56 -12.76 -21.10
N LEU C 42 -4.29 -12.86 -20.69
CA LEU C 42 -3.57 -11.68 -20.21
C LEU C 42 -3.37 -10.67 -21.32
N ALA C 43 -3.05 -11.12 -22.53
CA ALA C 43 -2.89 -10.20 -23.65
C ALA C 43 -4.19 -9.51 -24.00
N ALA C 44 -5.32 -10.24 -23.95
CA ALA C 44 -6.61 -9.63 -24.20
C ALA C 44 -6.96 -8.58 -23.16
N VAL C 45 -6.69 -8.87 -21.88
CA VAL C 45 -6.98 -7.90 -20.84
C VAL C 45 -6.11 -6.66 -20.98
N LEU C 46 -4.81 -6.85 -21.26
CA LEU C 46 -3.91 -5.73 -21.44
C LEU C 46 -4.32 -4.89 -22.64
N GLU C 47 -4.70 -5.53 -23.74
CA GLU C 47 -5.14 -4.80 -24.92
C GLU C 47 -6.42 -4.03 -24.65
N TYR C 48 -7.36 -4.62 -23.92
CA TYR C 48 -8.60 -3.92 -23.59
C TYR C 48 -8.32 -2.68 -22.77
N LEU C 49 -7.47 -2.81 -21.73
CA LEU C 49 -7.17 -1.66 -20.89
C LEU C 49 -6.43 -0.58 -21.67
N THR C 50 -5.48 -0.97 -22.51
CA THR C 50 -4.79 -0.01 -23.36
C THR C 50 -5.76 0.69 -24.29
N ALA C 51 -6.69 -0.05 -24.88
CA ALA C 51 -7.63 0.52 -25.83
C ALA C 51 -8.55 1.52 -25.15
N GLU C 52 -9.05 1.21 -23.96
CA GLU C 52 -9.97 2.13 -23.31
C GLU C 52 -9.27 3.40 -22.85
N ILE C 53 -8.09 3.26 -22.25
CA ILE C 53 -7.37 4.46 -21.83
C ILE C 53 -6.96 5.30 -23.04
N LEU C 54 -6.60 4.64 -24.15
CA LEU C 54 -6.22 5.38 -25.33
C LEU C 54 -7.41 6.06 -26.00
N GLU C 55 -8.60 5.44 -25.93
CA GLU C 55 -9.79 6.09 -26.44
C GLU C 55 -10.11 7.35 -25.65
N LEU C 56 -10.06 7.26 -24.32
CA LEU C 56 -10.32 8.45 -23.51
C LEU C 56 -9.26 9.52 -23.75
N ALA C 57 -7.99 9.11 -23.89
CA ALA C 57 -6.92 10.08 -24.14
C ALA C 57 -7.07 10.73 -25.51
N GLY C 58 -7.50 9.97 -26.52
CA GLY C 58 -7.75 10.56 -27.82
C GLY C 58 -8.91 11.53 -27.81
N ASN C 59 -9.95 11.23 -27.03
CA ASN C 59 -11.02 12.19 -26.84
C ASN C 59 -10.49 13.48 -26.20
N ALA C 60 -9.64 13.34 -25.17
CA ALA C 60 -9.06 14.53 -24.52
C ALA C 60 -8.20 15.32 -25.49
N ALA C 61 -7.42 14.64 -26.32
CA ALA C 61 -6.61 15.33 -27.33
C ALA C 61 -7.49 16.07 -28.32
N ARG C 62 -8.60 15.45 -28.75
CA ARG C 62 -9.52 16.11 -29.66
C ARG C 62 -10.14 17.34 -29.03
N ASP C 63 -10.48 17.27 -27.74
CA ASP C 63 -11.06 18.42 -27.07
C ASP C 63 -10.09 19.60 -27.03
N ASN C 64 -8.79 19.33 -26.98
CA ASN C 64 -7.77 20.38 -26.97
C ASN C 64 -7.31 20.75 -28.38
N LYS C 65 -7.88 20.15 -29.42
CA LYS C 65 -7.54 20.43 -30.81
C LYS C 65 -6.08 20.09 -31.10
N LYS C 66 -5.70 18.86 -30.73
CA LYS C 66 -4.37 18.34 -31.00
C LYS C 66 -4.47 17.00 -31.71
N THR C 67 -3.47 16.72 -32.55
CA THR C 67 -3.41 15.48 -33.31
C THR C 67 -2.57 14.41 -32.63
N ARG C 68 -1.94 14.73 -31.49
CA ARG C 68 -1.08 13.80 -30.81
C ARG C 68 -1.43 13.76 -29.33
N ILE C 69 -1.25 12.59 -28.73
CA ILE C 69 -1.53 12.41 -27.30
C ILE C 69 -0.26 12.74 -26.51
N ILE C 70 -0.41 13.56 -25.49
CA ILE C 70 0.69 13.93 -24.60
C ILE C 70 0.32 13.46 -23.20
N PRO C 71 1.25 13.46 -22.24
CA PRO C 71 0.90 12.98 -20.88
C PRO C 71 -0.25 13.73 -20.23
N ARG C 72 -0.49 14.99 -20.59
CA ARG C 72 -1.62 15.72 -20.03
C ARG C 72 -2.94 15.07 -20.43
N HIS C 73 -3.05 14.62 -21.68
CA HIS C 73 -4.27 13.96 -22.12
C HIS C 73 -4.49 12.64 -21.40
N LEU C 74 -3.42 11.87 -21.19
CA LEU C 74 -3.53 10.63 -20.44
C LEU C 74 -3.97 10.89 -19.01
N GLN C 75 -3.40 11.93 -18.37
CA GLN C 75 -3.81 12.25 -17.01
C GLN C 75 -5.26 12.70 -16.95
N LEU C 76 -5.69 13.54 -17.89
CA LEU C 76 -7.09 13.96 -17.93
C LEU C 76 -8.02 12.77 -18.10
N ALA C 77 -7.67 11.85 -19.00
CA ALA C 77 -8.47 10.65 -19.22
C ALA C 77 -8.56 9.81 -17.95
N VAL C 78 -7.43 9.60 -17.27
CA VAL C 78 -7.42 8.72 -16.10
C VAL C 78 -8.19 9.36 -14.95
N ARG C 79 -7.94 10.65 -14.68
CA ARG C 79 -8.55 11.29 -13.53
C ARG C 79 -10.01 11.63 -13.74
N ASN C 80 -10.46 11.73 -14.99
CA ASN C 80 -11.87 12.02 -15.25
C ASN C 80 -12.73 10.76 -15.27
N ASP C 81 -12.12 9.58 -15.41
CA ASP C 81 -12.84 8.33 -15.33
C ASP C 81 -12.76 7.77 -13.92
N GLU C 82 -13.91 7.38 -13.36
CA GLU C 82 -13.96 6.92 -11.98
C GLU C 82 -13.20 5.61 -11.80
N GLU C 83 -13.43 4.65 -12.69
CA GLU C 83 -12.81 3.34 -12.55
C GLU C 83 -11.31 3.39 -12.86
N LEU C 84 -10.92 4.17 -13.88
CA LEU C 84 -9.50 4.33 -14.18
C LEU C 84 -8.80 5.10 -13.08
N ASN C 85 -9.50 6.04 -12.43
CA ASN C 85 -8.91 6.76 -11.31
C ASN C 85 -8.73 5.85 -10.10
N LYS C 86 -9.69 4.94 -9.88
CA LYS C 86 -9.54 3.97 -8.80
C LYS C 86 -8.39 3.00 -9.09
N LEU C 87 -8.25 2.58 -10.35
CA LEU C 87 -7.20 1.65 -10.72
C LEU C 87 -5.82 2.30 -10.61
N LEU C 88 -5.72 3.58 -10.94
CA LEU C 88 -4.47 4.32 -10.95
C LEU C 88 -4.47 5.42 -9.90
N GLY C 89 -4.97 5.09 -8.71
CA GLY C 89 -5.08 6.10 -7.66
C GLY C 89 -3.77 6.42 -6.98
N ARG C 90 -2.87 5.44 -6.89
CA ARG C 90 -1.57 5.63 -6.28
C ARG C 90 -0.46 5.74 -7.32
N VAL C 91 -0.79 6.26 -8.50
CA VAL C 91 0.13 6.35 -9.63
C VAL C 91 0.29 7.81 -10.01
N THR C 92 1.53 8.21 -10.30
CA THR C 92 1.85 9.56 -10.73
C THR C 92 2.25 9.51 -12.21
N ILE C 93 1.55 10.28 -13.04
CA ILE C 93 1.89 10.40 -14.45
C ILE C 93 2.77 11.63 -14.62
N ALA C 94 3.96 11.43 -15.19
CA ALA C 94 4.91 12.52 -15.34
C ALA C 94 4.38 13.55 -16.35
N GLN C 95 4.46 14.83 -15.97
CA GLN C 95 4.00 15.93 -16.80
C GLN C 95 2.51 15.83 -17.10
N GLY C 96 1.73 15.29 -16.18
CA GLY C 96 0.30 15.21 -16.37
C GLY C 96 -0.47 16.35 -15.72
N GLY C 97 0.18 17.08 -14.83
CA GLY C 97 -0.50 18.16 -14.12
C GLY C 97 -1.54 17.63 -13.16
N VAL C 98 -2.55 18.45 -12.90
CA VAL C 98 -3.67 18.10 -12.03
C VAL C 98 -4.97 18.39 -12.77
N LEU C 99 -6.07 18.10 -12.10
CA LEU C 99 -7.42 18.36 -12.58
C LEU C 99 -7.87 19.74 -12.10
N PRO C 100 -8.33 20.62 -12.99
CA PRO C 100 -8.79 21.95 -12.55
C PRO C 100 -9.93 21.84 -11.57
N ASN C 101 -9.71 22.32 -10.34
CA ASN C 101 -10.72 22.23 -9.29
C ASN C 101 -10.44 23.29 -8.24
N ILE C 102 -11.40 24.15 -7.98
CA ILE C 102 -11.34 25.16 -6.93
C ILE C 102 -12.53 24.95 -6.01
N GLN C 103 -12.29 24.99 -4.71
CA GLN C 103 -13.36 24.83 -3.74
C GLN C 103 -14.33 25.99 -3.81
N SER C 104 -15.59 25.73 -3.46
CA SER C 104 -16.63 26.74 -3.62
C SER C 104 -16.51 27.86 -2.60
N VAL C 105 -16.00 27.57 -1.39
CA VAL C 105 -15.87 28.61 -0.38
C VAL C 105 -14.80 29.64 -0.75
N LEU C 106 -13.87 29.30 -1.62
CA LEU C 106 -12.82 30.22 -2.03
C LEU C 106 -13.23 31.15 -3.16
N LEU C 107 -14.34 30.87 -3.82
CA LEU C 107 -14.76 31.67 -4.96
C LEU C 107 -15.25 33.04 -4.50
N PRO C 108 -15.04 34.08 -5.32
CA PRO C 108 -15.40 35.44 -4.90
C PRO C 108 -16.92 35.63 -4.87
N LYS C 109 -17.43 36.03 -3.72
CA LYS C 109 -18.85 36.35 -3.56
C LYS C 109 -19.08 37.05 -2.23
N LYS D 3 24.41 -0.62 -29.84
CA LYS D 3 23.35 -0.74 -28.83
C LYS D 3 22.88 -2.18 -28.73
N THR D 4 21.97 -2.44 -27.79
CA THR D 4 21.35 -3.75 -27.65
C THR D 4 19.84 -3.60 -27.78
N ARG D 5 19.18 -4.69 -28.15
CA ARG D 5 17.75 -4.67 -28.40
C ARG D 5 17.00 -4.56 -27.08
N LYS D 6 16.26 -3.46 -26.91
CA LYS D 6 15.40 -3.24 -25.75
C LYS D 6 13.95 -3.25 -26.23
N GLU D 7 13.19 -4.25 -25.81
CA GLU D 7 11.83 -4.43 -26.29
C GLU D 7 10.85 -3.63 -25.43
N SER D 8 9.73 -3.27 -26.05
CA SER D 8 8.69 -2.51 -25.38
C SER D 8 7.37 -2.73 -26.10
N TYR D 9 6.28 -2.38 -25.43
CA TYR D 9 4.94 -2.43 -26.03
C TYR D 9 4.66 -1.15 -26.80
N ALA D 10 5.58 -0.78 -27.68
CA ALA D 10 5.44 0.46 -28.44
C ALA D 10 4.68 0.26 -29.74
N ILE D 11 4.95 -0.83 -30.45
CA ILE D 11 4.25 -1.06 -31.72
C ILE D 11 2.85 -1.58 -31.47
N TYR D 12 2.62 -2.30 -30.38
CA TYR D 12 1.29 -2.82 -30.09
C TYR D 12 0.36 -1.74 -29.58
N VAL D 13 0.88 -0.84 -28.75
CA VAL D 13 0.09 0.32 -28.32
C VAL D 13 -0.25 1.19 -29.52
N TYR D 14 0.68 1.32 -30.47
CA TYR D 14 0.40 2.09 -31.68
C TYR D 14 -0.64 1.40 -32.55
N LYS D 15 -0.58 0.06 -32.65
CA LYS D 15 -1.61 -0.66 -33.39
C LYS D 15 -2.99 -0.47 -32.77
N VAL D 16 -3.07 -0.56 -31.45
CA VAL D 16 -4.35 -0.37 -30.77
C VAL D 16 -4.84 1.05 -30.95
N LEU D 17 -3.93 2.03 -30.90
CA LEU D 17 -4.31 3.42 -31.12
C LEU D 17 -4.83 3.64 -32.53
N LYS D 18 -4.19 3.04 -33.53
CA LYS D 18 -4.67 3.14 -34.90
C LYS D 18 -6.04 2.49 -35.06
N GLN D 19 -6.29 1.41 -34.31
CA GLN D 19 -7.62 0.81 -34.32
C GLN D 19 -8.66 1.73 -33.70
N VAL D 20 -8.34 2.36 -32.56
CA VAL D 20 -9.33 3.12 -31.82
C VAL D 20 -9.55 4.48 -32.48
N HIS D 21 -8.51 5.30 -32.56
CA HIS D 21 -8.56 6.58 -33.24
C HIS D 21 -7.61 6.53 -34.43
N PRO D 22 -8.10 6.32 -35.64
CA PRO D 22 -7.20 6.09 -36.77
C PRO D 22 -6.41 7.31 -37.19
N ASP D 23 -6.74 8.51 -36.72
CA ASP D 23 -6.17 9.73 -37.24
C ASP D 23 -5.17 10.42 -36.32
N THR D 24 -5.14 10.10 -35.04
CA THR D 24 -4.23 10.76 -34.12
C THR D 24 -2.96 9.94 -33.93
N GLY D 25 -1.91 10.62 -33.45
CA GLY D 25 -0.67 9.99 -33.11
C GLY D 25 -0.41 9.99 -31.62
N ILE D 26 0.86 9.86 -31.26
CA ILE D 26 1.27 9.81 -29.86
C ILE D 26 2.71 10.27 -29.78
N SER D 27 3.07 10.89 -28.66
CA SER D 27 4.43 11.37 -28.45
C SER D 27 5.29 10.29 -27.80
N SER D 28 6.57 10.60 -27.60
CA SER D 28 7.48 9.63 -27.01
C SER D 28 7.27 9.51 -25.51
N LYS D 29 6.96 10.63 -24.83
CA LYS D 29 6.71 10.57 -23.40
C LYS D 29 5.38 9.88 -23.09
N ALA D 30 4.36 10.15 -23.92
CA ALA D 30 3.09 9.46 -23.74
C ALA D 30 3.24 7.96 -24.01
N MET D 31 4.06 7.59 -24.99
CA MET D 31 4.30 6.17 -25.22
C MET D 31 5.11 5.55 -24.10
N SER D 32 6.03 6.30 -23.49
CA SER D 32 6.72 5.82 -22.30
C SER D 32 5.74 5.57 -21.16
N ILE D 33 4.79 6.48 -20.95
CA ILE D 33 3.79 6.31 -19.92
C ILE D 33 2.90 5.11 -20.20
N MET D 34 2.55 4.91 -21.48
CA MET D 34 1.73 3.76 -21.85
C MET D 34 2.47 2.45 -21.62
N ASN D 35 3.76 2.42 -21.95
CA ASN D 35 4.58 1.23 -21.68
C ASN D 35 4.67 0.95 -20.19
N SER D 36 4.85 2.00 -19.38
CA SER D 36 4.89 1.82 -17.94
C SER D 36 3.54 1.30 -17.42
N PHE D 37 2.44 1.81 -17.96
CA PHE D 37 1.12 1.36 -17.53
C PHE D 37 0.92 -0.12 -17.86
N VAL D 38 1.29 -0.54 -19.08
CA VAL D 38 1.13 -1.94 -19.46
C VAL D 38 1.98 -2.83 -18.58
N ASN D 39 3.22 -2.46 -18.33
CA ASN D 39 4.09 -3.27 -17.48
C ASN D 39 3.56 -3.34 -16.05
N ASP D 40 3.07 -2.21 -15.52
CA ASP D 40 2.55 -2.18 -14.16
C ASP D 40 1.34 -3.08 -14.01
N VAL D 41 0.40 -3.00 -14.96
CA VAL D 41 -0.81 -3.81 -14.86
C VAL D 41 -0.49 -5.28 -15.10
N PHE D 42 0.43 -5.57 -16.02
CA PHE D 42 0.90 -6.94 -16.21
C PHE D 42 1.45 -7.51 -14.91
N GLU D 43 2.30 -6.74 -14.23
CA GLU D 43 2.90 -7.21 -12.98
C GLU D 43 1.84 -7.40 -11.90
N ARG D 44 0.87 -6.48 -11.82
CA ARG D 44 -0.19 -6.62 -10.83
C ARG D 44 -0.98 -7.90 -11.04
N ILE D 45 -1.44 -8.14 -12.28
CA ILE D 45 -2.25 -9.31 -12.56
C ILE D 45 -1.43 -10.59 -12.39
N ALA D 46 -0.19 -10.60 -12.86
CA ALA D 46 0.65 -11.79 -12.74
C ALA D 46 0.97 -12.11 -11.29
N GLY D 47 1.26 -11.09 -10.48
CA GLY D 47 1.50 -11.34 -9.06
C GLY D 47 0.27 -11.83 -8.33
N GLU D 48 -0.89 -11.26 -8.65
CA GLU D 48 -2.12 -11.74 -8.04
C GLU D 48 -2.40 -13.20 -8.42
N ALA D 49 -2.18 -13.54 -9.69
CA ALA D 49 -2.40 -14.92 -10.13
C ALA D 49 -1.40 -15.87 -9.47
N SER D 50 -0.15 -15.42 -9.29
CA SER D 50 0.84 -16.22 -8.59
C SER D 50 0.43 -16.49 -7.15
N ARG D 51 -0.03 -15.45 -6.46
CA ARG D 51 -0.54 -15.63 -5.10
C ARG D 51 -1.73 -16.58 -5.08
N LEU D 52 -2.64 -16.44 -6.05
CA LEU D 52 -3.82 -17.30 -6.10
C LEU D 52 -3.45 -18.76 -6.30
N ALA D 53 -2.50 -19.03 -7.19
CA ALA D 53 -2.05 -20.40 -7.40
C ALA D 53 -1.33 -20.94 -6.17
N HIS D 54 -0.56 -20.10 -5.47
CA HIS D 54 0.10 -20.55 -4.26
C HIS D 54 -0.90 -20.87 -3.16
N TYR D 55 -1.96 -20.05 -3.03
CA TYR D 55 -2.94 -20.26 -1.97
C TYR D 55 -3.63 -21.61 -2.10
N ASN D 56 -3.94 -22.01 -3.34
CA ASN D 56 -4.66 -23.24 -3.62
C ASN D 56 -3.73 -24.41 -3.92
N LYS D 57 -2.42 -24.23 -3.76
CA LYS D 57 -1.44 -25.29 -3.88
C LYS D 57 -1.41 -25.87 -5.30
N ARG D 58 -1.48 -24.98 -6.28
CA ARG D 58 -1.35 -25.34 -7.68
C ARG D 58 -0.06 -24.77 -8.23
N SER D 59 0.60 -25.52 -9.11
CA SER D 59 1.87 -25.12 -9.68
C SER D 59 1.74 -24.56 -11.08
N THR D 60 0.53 -24.27 -11.54
CA THR D 60 0.28 -23.76 -12.87
C THR D 60 -0.56 -22.49 -12.76
N ILE D 61 -0.22 -21.50 -13.57
CA ILE D 61 -1.04 -20.30 -13.73
C ILE D 61 -1.82 -20.45 -15.02
N THR D 62 -3.14 -20.52 -14.91
CA THR D 62 -4.05 -20.77 -16.01
C THR D 62 -4.92 -19.55 -16.24
N SER D 63 -5.84 -19.65 -17.20
CA SER D 63 -6.72 -18.52 -17.49
C SER D 63 -7.75 -18.31 -16.38
N ARG D 64 -7.96 -19.32 -15.54
CA ARG D 64 -8.82 -19.13 -14.38
C ARG D 64 -8.15 -18.26 -13.32
N GLU D 65 -6.85 -18.46 -13.11
CA GLU D 65 -6.11 -17.59 -12.21
C GLU D 65 -6.08 -16.16 -12.74
N ILE D 66 -5.88 -16.00 -14.05
CA ILE D 66 -5.88 -14.67 -14.65
C ILE D 66 -7.25 -14.02 -14.52
N GLN D 67 -8.32 -14.79 -14.73
CA GLN D 67 -9.66 -14.25 -14.60
C GLN D 67 -9.95 -13.79 -13.17
N THR D 68 -9.58 -14.61 -12.18
CA THR D 68 -9.83 -14.23 -10.80
C THR D 68 -8.96 -13.05 -10.38
N ALA D 69 -7.72 -12.99 -10.88
CA ALA D 69 -6.86 -11.83 -10.60
C ALA D 69 -7.46 -10.56 -11.19
N VAL D 70 -8.02 -10.65 -12.39
CA VAL D 70 -8.69 -9.51 -13.00
C VAL D 70 -9.89 -9.10 -12.16
N ARG D 71 -10.67 -10.07 -11.69
CA ARG D 71 -11.84 -9.76 -10.87
C ARG D 71 -11.43 -9.08 -9.56
N LEU D 72 -10.36 -9.55 -8.94
CA LEU D 72 -9.93 -8.97 -7.67
C LEU D 72 -9.30 -7.59 -7.84
N LEU D 73 -8.58 -7.37 -8.94
CA LEU D 73 -7.84 -6.12 -9.11
C LEU D 73 -8.67 -5.03 -9.78
N LEU D 74 -9.31 -5.33 -10.90
CA LEU D 74 -10.00 -4.28 -11.64
C LEU D 74 -11.30 -3.88 -10.96
N PRO D 75 -11.68 -2.61 -11.04
CA PRO D 75 -12.88 -2.13 -10.35
C PRO D 75 -14.15 -2.23 -11.19
N GLY D 76 -15.19 -2.84 -10.64
CA GLY D 76 -16.53 -2.77 -11.18
C GLY D 76 -16.71 -3.20 -12.62
N GLU D 77 -17.09 -2.24 -13.48
CA GLU D 77 -17.38 -2.57 -14.88
C GLU D 77 -16.11 -2.87 -15.66
N LEU D 78 -14.97 -2.32 -15.22
CA LEU D 78 -13.69 -2.66 -15.85
C LEU D 78 -13.44 -4.15 -15.79
N ALA D 79 -13.67 -4.75 -14.62
CA ALA D 79 -13.46 -6.18 -14.46
C ALA D 79 -14.39 -6.98 -15.35
N LYS D 80 -15.66 -6.58 -15.44
CA LYS D 80 -16.63 -7.32 -16.25
C LYS D 80 -16.23 -7.29 -17.72
N HIS D 81 -15.88 -6.10 -18.23
CA HIS D 81 -15.54 -5.99 -19.65
C HIS D 81 -14.22 -6.67 -19.97
N ALA D 82 -13.24 -6.59 -19.05
CA ALA D 82 -11.98 -7.27 -19.26
C ALA D 82 -12.15 -8.79 -19.25
N VAL D 83 -13.00 -9.29 -18.35
CA VAL D 83 -13.29 -10.73 -18.33
C VAL D 83 -13.96 -11.15 -19.64
N SER D 84 -14.89 -10.33 -20.14
CA SER D 84 -15.54 -10.64 -21.41
C SER D 84 -14.53 -10.70 -22.54
N GLU D 85 -13.64 -9.70 -22.63
CA GLU D 85 -12.64 -9.67 -23.68
C GLU D 85 -11.69 -10.86 -23.59
N GLY D 86 -11.22 -11.19 -22.39
CA GLY D 86 -10.32 -12.31 -22.24
C GLY D 86 -10.96 -13.64 -22.59
N THR D 87 -12.21 -13.83 -22.17
CA THR D 87 -12.92 -15.07 -22.51
C THR D 87 -13.13 -15.17 -24.01
N LYS D 88 -13.48 -14.06 -24.66
CA LYS D 88 -13.64 -14.08 -26.12
C LYS D 88 -12.33 -14.46 -26.81
N ALA D 89 -11.22 -13.87 -26.36
CA ALA D 89 -9.94 -14.18 -26.97
C ALA D 89 -9.57 -15.64 -26.78
N VAL D 90 -9.75 -16.17 -25.58
CA VAL D 90 -9.38 -17.56 -25.31
C VAL D 90 -10.24 -18.51 -26.13
N THR D 91 -11.55 -18.24 -26.21
CA THR D 91 -12.43 -19.09 -27.01
C THR D 91 -12.05 -19.06 -28.47
N LYS D 92 -11.78 -17.88 -29.03
CA LYS D 92 -11.40 -17.78 -30.44
C LYS D 92 -10.07 -18.49 -30.69
N TYR D 93 -9.11 -18.35 -29.78
CA TYR D 93 -7.82 -19.00 -29.93
C TYR D 93 -7.98 -20.52 -29.91
N THR D 94 -8.78 -21.04 -28.98
CA THR D 94 -8.94 -22.48 -28.85
C THR D 94 -9.69 -23.06 -30.04
N SER D 95 -10.72 -22.36 -30.52
CA SER D 95 -11.45 -22.84 -31.69
C SER D 95 -10.58 -22.82 -32.95
N ALA D 96 -9.79 -21.76 -33.12
CA ALA D 96 -8.93 -21.65 -34.28
C ALA D 96 -7.75 -22.61 -34.20
N PRO E 2 -3.79 54.41 -10.36
CA PRO E 2 -3.11 53.22 -9.81
C PRO E 2 -4.06 52.05 -9.63
N HIS E 3 -4.21 51.24 -10.68
CA HIS E 3 -5.10 50.10 -10.62
C HIS E 3 -4.58 49.06 -9.63
N ARG E 4 -5.49 48.50 -8.84
CA ARG E 4 -5.16 47.49 -7.86
C ARG E 4 -6.27 46.45 -7.80
N TYR E 5 -5.88 45.18 -7.78
CA TYR E 5 -6.82 44.09 -7.60
C TYR E 5 -7.01 43.81 -6.11
N ARG E 6 -8.20 43.34 -5.76
CA ARG E 6 -8.49 43.01 -4.37
C ARG E 6 -7.73 41.75 -3.97
N PRO E 7 -7.45 41.58 -2.68
CA PRO E 7 -6.75 40.37 -2.23
C PRO E 7 -7.55 39.10 -2.47
N GLY E 8 -7.04 38.24 -3.36
CA GLY E 8 -7.72 37.01 -3.68
C GLY E 8 -7.97 36.85 -5.18
N THR E 9 -8.08 37.98 -5.89
CA THR E 9 -8.33 37.91 -7.33
C THR E 9 -7.13 37.33 -8.06
N VAL E 10 -5.94 37.87 -7.79
CA VAL E 10 -4.73 37.34 -8.42
C VAL E 10 -4.43 35.94 -7.89
N ALA E 11 -4.82 35.65 -6.64
CA ALA E 11 -4.63 34.31 -6.11
C ALA E 11 -5.44 33.28 -6.89
N LEU E 12 -6.70 33.60 -7.19
CA LEU E 12 -7.52 32.68 -7.99
C LEU E 12 -7.03 32.61 -9.44
N ARG E 13 -6.56 33.74 -9.97
CA ARG E 13 -5.97 33.72 -11.31
C ARG E 13 -4.79 32.77 -11.37
N GLU E 14 -3.92 32.82 -10.34
CA GLU E 14 -2.77 31.92 -10.28
C GLU E 14 -3.21 30.48 -10.09
N ILE E 15 -4.25 30.25 -9.28
CA ILE E 15 -4.76 28.89 -9.10
C ILE E 15 -5.16 28.31 -10.45
N ARG E 16 -5.95 29.07 -11.23
CA ARG E 16 -6.38 28.59 -12.54
C ARG E 16 -5.19 28.38 -13.48
N ARG E 17 -4.25 29.33 -13.48
CA ARG E 17 -3.12 29.25 -14.39
C ARG E 17 -2.25 28.03 -14.09
N TYR E 18 -2.00 27.74 -12.81
CA TYR E 18 -1.13 26.63 -12.46
C TYR E 18 -1.86 25.31 -12.41
N GLN E 19 -3.20 25.32 -12.33
CA GLN E 19 -3.95 24.09 -12.48
C GLN E 19 -4.23 23.76 -13.93
N LYS E 20 -4.01 24.70 -14.84
CA LYS E 20 -4.18 24.47 -16.27
C LYS E 20 -2.92 23.92 -16.94
N SER E 21 -1.76 24.02 -16.28
CA SER E 21 -0.50 23.66 -16.90
C SER E 21 0.10 22.41 -16.25
N THR E 22 1.22 21.96 -16.82
CA THR E 22 1.91 20.75 -16.38
C THR E 22 3.39 20.95 -16.08
N GLU E 23 3.90 22.18 -16.18
CA GLU E 23 5.31 22.46 -15.99
C GLU E 23 5.72 22.19 -14.55
N LEU E 24 7.03 22.08 -14.34
CA LEU E 24 7.57 21.92 -12.99
C LEU E 24 7.72 23.29 -12.33
N LEU E 25 7.22 23.42 -11.11
CA LEU E 25 7.11 24.70 -10.44
C LEU E 25 8.30 25.04 -9.56
N ILE E 26 9.31 24.18 -9.50
CA ILE E 26 10.52 24.43 -8.74
C ILE E 26 11.68 24.58 -9.72
N ARG E 27 12.55 25.55 -9.46
CA ARG E 27 13.73 25.73 -10.29
C ARG E 27 14.62 24.48 -10.26
N LYS E 28 15.14 24.11 -11.42
CA LYS E 28 15.81 22.82 -11.57
C LYS E 28 17.16 22.77 -10.88
N LEU E 29 17.98 23.82 -11.03
CA LEU E 29 19.31 23.82 -10.41
C LEU E 29 19.25 23.80 -8.88
N PRO E 30 18.46 24.63 -8.20
CA PRO E 30 18.37 24.50 -6.74
C PRO E 30 17.90 23.14 -6.28
N PHE E 31 16.95 22.54 -6.97
CA PHE E 31 16.49 21.20 -6.59
C PHE E 31 17.58 20.17 -6.78
N GLN E 32 18.33 20.26 -7.88
CA GLN E 32 19.43 19.33 -8.11
C GLN E 32 20.49 19.46 -7.01
N ARG E 33 20.81 20.70 -6.63
CA ARG E 33 21.77 20.91 -5.54
C ARG E 33 21.26 20.34 -4.23
N LEU E 34 19.97 20.53 -3.93
CA LEU E 34 19.40 19.97 -2.71
C LEU E 34 19.44 18.45 -2.73
N VAL E 35 19.14 17.84 -3.88
CA VAL E 35 19.16 16.39 -4.00
C VAL E 35 20.57 15.85 -3.77
N ARG E 36 21.57 16.50 -4.38
CA ARG E 36 22.95 16.07 -4.18
C ARG E 36 23.40 16.26 -2.73
N GLU E 37 22.98 17.36 -2.10
CA GLU E 37 23.31 17.58 -0.70
C GLU E 37 22.71 16.51 0.20
N ILE E 38 21.45 16.14 -0.06
CA ILE E 38 20.82 15.07 0.73
C ILE E 38 21.53 13.75 0.50
N ALA E 39 21.88 13.44 -0.76
CA ALA E 39 22.51 12.18 -1.07
C ALA E 39 23.95 12.10 -0.57
N GLN E 40 24.58 13.25 -0.28
CA GLN E 40 25.94 13.23 0.25
C GLN E 40 26.03 12.48 1.58
N ASP E 41 24.95 12.45 2.35
CA ASP E 41 24.95 11.78 3.65
C ASP E 41 24.80 10.28 3.55
N PHE E 42 24.51 9.74 2.36
CA PHE E 42 24.39 8.31 2.16
C PHE E 42 25.57 7.69 1.44
N LYS E 43 26.23 8.42 0.56
CA LYS E 43 27.41 7.93 -0.14
C LYS E 43 28.14 9.13 -0.74
N THR E 44 29.46 9.10 -0.67
CA THR E 44 30.28 10.18 -1.21
C THR E 44 30.67 9.88 -2.66
N ASP E 45 30.99 10.94 -3.40
CA ASP E 45 31.37 10.85 -4.81
C ASP E 45 30.28 10.17 -5.63
N LEU E 46 29.03 10.55 -5.36
CA LEU E 46 27.88 9.96 -6.04
C LEU E 46 27.60 10.74 -7.32
N ARG E 47 27.31 10.01 -8.39
CA ARG E 47 26.92 10.59 -9.66
C ARG E 47 25.43 10.34 -9.91
N PHE E 48 24.81 11.27 -10.63
CA PHE E 48 23.38 11.22 -10.88
C PHE E 48 23.12 11.34 -12.37
N GLN E 49 22.25 10.47 -12.89
CA GLN E 49 21.70 10.68 -14.22
C GLN E 49 20.75 11.87 -14.20
N SER E 50 20.67 12.57 -15.33
CA SER E 50 19.76 13.70 -15.42
C SER E 50 18.31 13.25 -15.25
N SER E 51 17.95 12.12 -15.85
CA SER E 51 16.61 11.58 -15.70
C SER E 51 16.31 11.19 -14.27
N ALA E 52 17.34 10.82 -13.50
CA ALA E 52 17.12 10.51 -12.08
C ALA E 52 16.66 11.74 -11.31
N VAL E 53 17.34 12.86 -11.52
CA VAL E 53 16.95 14.10 -10.84
C VAL E 53 15.59 14.57 -11.34
N MET E 54 15.32 14.41 -12.63
CA MET E 54 14.02 14.79 -13.16
C MET E 54 12.90 13.95 -12.55
N ALA E 55 13.12 12.64 -12.40
CA ALA E 55 12.13 11.78 -11.77
C ALA E 55 11.91 12.17 -10.32
N LEU E 56 13.00 12.48 -9.60
CA LEU E 56 12.87 12.93 -8.22
C LEU E 56 12.06 14.21 -8.12
N GLN E 57 12.30 15.16 -9.03
CA GLN E 57 11.55 16.41 -9.00
C GLN E 57 10.08 16.20 -9.31
N GLU E 58 9.78 15.36 -10.30
CA GLU E 58 8.38 15.08 -10.61
C GLU E 58 7.67 14.48 -9.41
N ALA E 59 8.29 13.49 -8.78
CA ALA E 59 7.68 12.85 -7.61
C ALA E 59 7.50 13.83 -6.46
N SER E 60 8.52 14.64 -6.18
CA SER E 60 8.44 15.59 -5.07
C SER E 60 7.34 16.61 -5.31
N GLU E 61 7.25 17.14 -6.52
CA GLU E 61 6.24 18.15 -6.83
C GLU E 61 4.85 17.56 -6.74
N ALA E 62 4.65 16.34 -7.24
CA ALA E 62 3.35 15.68 -7.13
C ALA E 62 2.96 15.49 -5.67
N TYR E 63 3.90 15.02 -4.85
CA TYR E 63 3.63 14.81 -3.43
C TYR E 63 3.24 16.12 -2.75
N LEU E 64 3.99 17.18 -3.00
CA LEU E 64 3.71 18.46 -2.35
C LEU E 64 2.37 19.03 -2.79
N VAL E 65 2.04 18.91 -4.08
CA VAL E 65 0.76 19.41 -4.57
C VAL E 65 -0.39 18.67 -3.91
N ALA E 66 -0.30 17.33 -3.85
CA ALA E 66 -1.37 16.56 -3.22
C ALA E 66 -1.50 16.89 -1.73
N LEU E 67 -0.37 17.08 -1.06
CA LEU E 67 -0.42 17.44 0.36
C LEU E 67 -1.08 18.81 0.55
N PHE E 68 -0.85 19.73 -0.38
CA PHE E 68 -1.50 21.04 -0.27
C PHE E 68 -3.01 20.94 -0.50
N GLU E 69 -3.44 20.07 -1.43
CA GLU E 69 -4.88 19.84 -1.58
C GLU E 69 -5.48 19.26 -0.31
N ASP E 70 -4.77 18.35 0.35
CA ASP E 70 -5.27 17.81 1.63
C ASP E 70 -5.29 18.88 2.71
N THR E 71 -4.29 19.76 2.72
CA THR E 71 -4.19 20.83 3.73
C THR E 71 -5.32 21.83 3.58
N ASN E 72 -5.72 22.13 2.33
CA ASN E 72 -6.79 23.09 2.10
C ASN E 72 -8.11 22.60 2.70
N LEU E 73 -8.36 21.30 2.63
CA LEU E 73 -9.58 20.74 3.22
C LEU E 73 -9.60 20.91 4.73
N CYS E 74 -8.46 20.70 5.38
CA CYS E 74 -8.37 20.91 6.83
C CYS E 74 -8.55 22.38 7.19
N ALA E 75 -8.01 23.28 6.36
CA ALA E 75 -8.21 24.71 6.60
C ALA E 75 -9.69 25.08 6.49
N ILE E 76 -10.38 24.56 5.47
CA ILE E 76 -11.79 24.85 5.28
C ILE E 76 -12.63 24.21 6.38
N HIS E 77 -12.23 23.05 6.89
CA HIS E 77 -12.99 22.38 7.94
C HIS E 77 -13.07 23.25 9.19
N ALA E 78 -11.97 23.91 9.56
CA ALA E 78 -11.94 24.82 10.69
C ALA E 78 -12.53 26.19 10.37
N LYS E 79 -13.25 26.32 9.25
CA LYS E 79 -13.90 27.56 8.84
C LYS E 79 -12.89 28.68 8.59
N ARG E 80 -11.85 28.35 7.83
CA ARG E 80 -10.81 29.29 7.45
C ARG E 80 -10.57 29.21 5.95
N VAL E 81 -9.90 30.23 5.43
CA VAL E 81 -9.40 30.22 4.06
C VAL E 81 -7.88 30.21 4.01
N THR E 82 -7.21 30.48 5.13
CA THR E 82 -5.75 30.48 5.21
C THR E 82 -5.27 29.13 5.71
N ILE E 83 -4.31 28.55 5.01
CA ILE E 83 -3.71 27.28 5.43
C ILE E 83 -2.60 27.61 6.42
N MET E 84 -2.60 26.88 7.53
CA MET E 84 -1.67 27.06 8.64
C MET E 84 -0.89 25.78 8.85
N PRO E 85 0.25 25.84 9.54
CA PRO E 85 1.02 24.61 9.80
C PRO E 85 0.23 23.53 10.52
N LYS E 86 -0.75 23.90 11.35
CA LYS E 86 -1.60 22.91 12.00
C LYS E 86 -2.42 22.12 10.98
N ASP E 87 -2.85 22.75 9.89
CA ASP E 87 -3.56 22.03 8.84
C ASP E 87 -2.65 21.01 8.16
N ILE E 88 -1.39 21.38 7.90
CA ILE E 88 -0.43 20.43 7.34
C ILE E 88 -0.22 19.27 8.30
N GLN E 89 -0.09 19.58 9.59
CA GLN E 89 0.14 18.53 10.59
C GLN E 89 -1.05 17.59 10.66
N LEU E 90 -2.28 18.11 10.65
CA LEU E 90 -3.45 17.24 10.68
C LEU E 90 -3.55 16.40 9.42
N ALA E 91 -3.25 16.98 8.26
CA ALA E 91 -3.31 16.22 7.02
C ALA E 91 -2.30 15.07 7.04
N ARG E 92 -1.08 15.34 7.50
CA ARG E 92 -0.06 14.30 7.54
C ARG E 92 -0.33 13.27 8.64
N ARG E 93 -1.02 13.67 9.70
CA ARG E 93 -1.38 12.70 10.74
C ARG E 93 -2.48 11.77 10.27
N ILE E 94 -3.52 12.31 9.62
CA ILE E 94 -4.59 11.46 9.12
C ILE E 94 -4.10 10.58 7.97
N ARG E 95 -3.22 11.12 7.12
CA ARG E 95 -2.64 10.32 6.05
C ARG E 95 -1.86 9.13 6.61
N GLY E 96 -1.13 9.34 7.69
CA GLY E 96 -0.31 8.29 8.28
C GLY E 96 1.16 8.56 8.07
N GLU E 97 1.53 9.85 8.03
CA GLU E 97 2.90 10.25 7.70
C GLU E 97 3.56 11.03 8.83
N ARG E 98 3.03 10.99 10.04
CA ARG E 98 3.66 11.67 11.16
C ARG E 98 4.28 10.66 12.13
N ARG F 8 25.97 24.79 1.16
CA ARG F 8 25.42 23.51 1.60
C ARG F 8 24.05 23.68 2.22
N ASP F 9 23.59 24.92 2.31
CA ASP F 9 22.23 25.23 2.77
C ASP F 9 21.34 25.32 1.54
N ASN F 10 21.09 24.16 0.94
CA ASN F 10 20.38 24.06 -0.32
C ASN F 10 18.88 23.91 -0.16
N ILE F 11 18.38 23.75 1.07
CA ILE F 11 16.94 23.70 1.29
C ILE F 11 16.31 25.08 1.13
N GLN F 12 17.09 26.15 1.21
CA GLN F 12 16.59 27.49 0.96
C GLN F 12 16.53 27.83 -0.51
N GLY F 13 17.01 26.94 -1.38
CA GLY F 13 16.76 27.07 -2.81
C GLY F 13 15.38 26.67 -3.23
N ILE F 14 14.60 26.08 -2.32
CA ILE F 14 13.17 25.88 -2.51
C ILE F 14 12.51 27.14 -1.96
N THR F 15 12.44 28.16 -2.81
CA THR F 15 12.10 29.50 -2.37
C THR F 15 10.62 29.59 -1.99
N LYS F 16 10.28 30.71 -1.36
CA LYS F 16 8.88 31.01 -1.05
C LYS F 16 7.99 31.10 -2.29
N PRO F 17 8.39 31.76 -3.39
CA PRO F 17 7.53 31.73 -4.59
C PRO F 17 7.27 30.34 -5.13
N ALA F 18 8.24 29.43 -5.06
CA ALA F 18 8.03 28.07 -5.53
C ALA F 18 6.98 27.36 -4.70
N ILE F 19 7.03 27.51 -3.38
CA ILE F 19 6.04 26.91 -2.50
C ILE F 19 4.66 27.53 -2.75
N ARG F 20 4.62 28.84 -3.00
CA ARG F 20 3.35 29.48 -3.35
C ARG F 20 2.78 28.91 -4.64
N ARG F 21 3.62 28.67 -5.64
CA ARG F 21 3.14 28.05 -6.88
C ARG F 21 2.62 26.63 -6.64
N LEU F 22 3.35 25.85 -5.84
CA LEU F 22 2.91 24.49 -5.55
C LEU F 22 1.59 24.49 -4.78
N ALA F 23 1.36 25.53 -3.97
CA ALA F 23 0.09 25.66 -3.27
C ALA F 23 -1.01 26.10 -4.22
N ARG F 24 -0.68 26.96 -5.18
CA ARG F 24 -1.67 27.40 -6.18
C ARG F 24 -2.15 26.24 -7.02
N ARG F 25 -1.24 25.36 -7.45
CA ARG F 25 -1.66 24.17 -8.18
C ARG F 25 -2.49 23.26 -7.30
N GLY F 26 -2.31 23.32 -5.98
CA GLY F 26 -3.14 22.58 -5.04
C GLY F 26 -4.43 23.26 -4.67
N GLY F 27 -4.74 24.41 -5.27
CA GLY F 27 -5.99 25.10 -5.02
C GLY F 27 -6.02 25.99 -3.81
N VAL F 28 -4.86 26.39 -3.28
CA VAL F 28 -4.79 27.13 -2.04
C VAL F 28 -4.81 28.63 -2.34
N LYS F 29 -5.73 29.35 -1.70
CA LYS F 29 -5.91 30.78 -1.93
C LYS F 29 -5.01 31.62 -1.03
N ARG F 30 -5.10 31.41 0.28
CA ARG F 30 -4.32 32.16 1.26
C ARG F 30 -3.34 31.23 1.96
N ILE F 31 -2.15 31.76 2.25
CA ILE F 31 -1.06 31.00 2.83
C ILE F 31 -0.53 31.73 4.04
N SER F 32 -0.27 31.01 5.13
CA SER F 32 0.32 31.59 6.31
C SER F 32 1.84 31.76 6.13
N GLY F 33 2.42 32.66 6.91
CA GLY F 33 3.85 32.92 6.80
C GLY F 33 4.73 31.84 7.35
N LEU F 34 4.19 30.98 8.22
CA LEU F 34 4.95 29.86 8.77
C LEU F 34 4.79 28.59 7.96
N ILE F 35 4.08 28.65 6.82
CA ILE F 35 3.86 27.48 5.99
C ILE F 35 5.14 27.05 5.28
N TYR F 36 6.00 28.02 4.94
CA TYR F 36 7.14 27.73 4.08
C TYR F 36 8.18 26.87 4.79
N GLU F 37 8.46 27.16 6.06
CA GLU F 37 9.40 26.34 6.82
C GLU F 37 8.86 24.93 7.02
N GLU F 38 7.56 24.81 7.31
CA GLU F 38 6.95 23.49 7.46
C GLU F 38 7.04 22.70 6.15
N THR F 39 6.79 23.37 5.03
CA THR F 39 6.86 22.70 3.73
C THR F 39 8.29 22.27 3.42
N ARG F 40 9.28 23.10 3.77
CA ARG F 40 10.66 22.72 3.56
C ARG F 40 11.04 21.50 4.39
N GLY F 41 10.57 21.45 5.64
CA GLY F 41 10.82 20.25 6.44
C GLY F 41 10.16 19.01 5.87
N VAL F 42 8.92 19.14 5.41
CA VAL F 42 8.20 18.02 4.81
C VAL F 42 8.94 17.52 3.58
N LEU F 43 9.37 18.44 2.71
CA LEU F 43 10.07 18.06 1.50
C LEU F 43 11.42 17.41 1.81
N LYS F 44 12.12 17.92 2.82
CA LYS F 44 13.38 17.31 3.21
C LYS F 44 13.17 15.88 3.68
N VAL F 45 12.13 15.63 4.48
CA VAL F 45 11.86 14.28 4.96
C VAL F 45 11.55 13.35 3.78
N PHE F 46 10.67 13.80 2.88
CA PHE F 46 10.28 12.97 1.74
C PHE F 46 11.49 12.63 0.86
N LEU F 47 12.28 13.66 0.53
CA LEU F 47 13.45 13.44 -0.32
C LEU F 47 14.47 12.56 0.37
N GLU F 48 14.63 12.71 1.69
CA GLU F 48 15.58 11.86 2.41
C GLU F 48 15.18 10.40 2.30
N ASN F 49 13.89 10.09 2.51
CA ASN F 49 13.44 8.70 2.40
C ASN F 49 13.67 8.15 1.00
N VAL F 50 13.23 8.89 -0.02
CA VAL F 50 13.31 8.37 -1.39
C VAL F 50 14.76 8.23 -1.83
N ILE F 51 15.61 9.21 -1.51
CA ILE F 51 17.01 9.15 -1.91
C ILE F 51 17.75 8.04 -1.16
N ARG F 52 17.39 7.81 0.10
CA ARG F 52 17.98 6.70 0.83
C ARG F 52 17.70 5.38 0.12
N ASP F 53 16.43 5.17 -0.27
CA ASP F 53 16.09 3.94 -0.97
C ASP F 53 16.80 3.84 -2.32
N ALA F 54 16.86 4.94 -3.07
CA ALA F 54 17.49 4.93 -4.38
C ALA F 54 18.98 4.64 -4.29
N VAL F 55 19.66 5.22 -3.29
CA VAL F 55 21.08 4.96 -3.09
C VAL F 55 21.31 3.54 -2.61
N THR F 56 20.38 2.97 -1.83
CA THR F 56 20.49 1.55 -1.50
C THR F 56 20.45 0.69 -2.76
N TYR F 57 19.51 1.00 -3.66
CA TYR F 57 19.43 0.27 -4.92
C TYR F 57 20.71 0.43 -5.75
N THR F 58 21.26 1.64 -5.77
CA THR F 58 22.49 1.90 -6.52
C THR F 58 23.67 1.15 -5.93
N GLU F 59 23.79 1.11 -4.60
CA GLU F 59 24.87 0.39 -3.94
C GLU F 59 24.78 -1.10 -4.22
N HIS F 60 23.57 -1.66 -4.22
CA HIS F 60 23.43 -3.08 -4.48
C HIS F 60 23.98 -3.46 -5.86
N ALA F 61 23.73 -2.62 -6.86
CA ALA F 61 24.19 -2.88 -8.22
C ALA F 61 25.67 -2.63 -8.41
N LYS F 62 26.40 -2.27 -7.36
CA LYS F 62 27.83 -1.97 -7.42
C LYS F 62 28.11 -0.85 -8.42
N ARG F 63 27.30 0.21 -8.34
CA ARG F 63 27.35 1.33 -9.26
C ARG F 63 27.69 2.62 -8.51
N LYS F 64 28.25 3.57 -9.25
CA LYS F 64 28.50 4.90 -8.72
C LYS F 64 27.46 5.91 -9.16
N THR F 65 26.77 5.66 -10.27
CA THR F 65 25.79 6.57 -10.83
C THR F 65 24.39 6.14 -10.41
N VAL F 66 23.62 7.07 -9.87
CA VAL F 66 22.23 6.80 -9.54
C VAL F 66 21.39 6.97 -10.79
N THR F 67 20.75 5.89 -11.23
CA THR F 67 19.97 5.89 -12.46
C THR F 67 18.51 6.23 -12.17
N ALA F 68 17.75 6.49 -13.25
CA ALA F 68 16.34 6.79 -13.10
C ALA F 68 15.56 5.58 -12.62
N MET F 69 16.03 4.38 -12.95
CA MET F 69 15.37 3.17 -12.48
C MET F 69 15.48 3.01 -10.97
N ASP F 70 16.61 3.42 -10.39
CA ASP F 70 16.75 3.39 -8.94
C ASP F 70 15.69 4.26 -8.27
N VAL F 71 15.47 5.46 -8.81
CA VAL F 71 14.44 6.35 -8.28
C VAL F 71 13.06 5.77 -8.48
N VAL F 72 12.80 5.16 -9.64
CA VAL F 72 11.49 4.59 -9.92
C VAL F 72 11.18 3.45 -8.95
N TYR F 73 12.16 2.56 -8.72
CA TYR F 73 11.99 1.47 -7.77
C TYR F 73 11.83 2.00 -6.35
N ALA F 74 12.61 3.01 -5.98
CA ALA F 74 12.51 3.59 -4.65
C ALA F 74 11.13 4.17 -4.41
N LEU F 75 10.59 4.87 -5.41
CA LEU F 75 9.24 5.42 -5.29
C LEU F 75 8.20 4.32 -5.21
N LYS F 76 8.34 3.28 -6.03
CA LYS F 76 7.40 2.17 -5.99
C LYS F 76 7.41 1.49 -4.63
N ARG F 77 8.57 1.49 -3.95
CA ARG F 77 8.66 0.92 -2.61
C ARG F 77 7.78 1.68 -1.62
N GLN F 78 7.77 3.02 -1.70
CA GLN F 78 6.94 3.83 -0.81
C GLN F 78 5.47 3.78 -1.19
N GLY F 79 5.11 3.16 -2.31
CA GLY F 79 3.75 3.19 -2.78
C GLY F 79 3.41 4.42 -3.59
N ARG F 80 4.35 4.89 -4.41
CA ARG F 80 4.23 6.13 -5.15
C ARG F 80 4.66 5.94 -6.60
N THR F 81 4.12 4.91 -7.24
CA THR F 81 4.43 4.56 -8.63
C THR F 81 4.43 5.78 -9.54
N LEU F 82 5.47 5.91 -10.35
CA LEU F 82 5.64 7.03 -11.26
C LEU F 82 5.78 6.50 -12.69
N TYR F 83 4.98 7.03 -13.61
CA TYR F 83 5.01 6.62 -15.01
C TYR F 83 5.78 7.65 -15.84
N GLY F 84 6.54 7.16 -16.81
CA GLY F 84 7.18 8.01 -17.79
C GLY F 84 8.68 8.14 -17.68
N PHE F 85 9.32 7.42 -16.76
CA PHE F 85 10.77 7.48 -16.56
C PHE F 85 11.36 6.08 -16.59
N GLY F 86 10.94 5.27 -17.55
CA GLY F 86 11.31 3.87 -17.56
C GLY F 86 10.17 3.00 -17.08
N GLY F 87 10.20 2.63 -15.80
CA GLY F 87 9.06 1.95 -15.20
C GLY F 87 8.10 2.95 -14.57
N ARG G 2 27.60 -42.43 7.15
CA ARG G 2 27.89 -41.00 7.03
C ARG G 2 28.29 -40.40 8.36
N ALA G 3 28.82 -39.19 8.33
CA ALA G 3 29.08 -38.45 9.56
C ALA G 3 27.76 -38.07 10.22
N LYS G 4 27.81 -37.90 11.54
CA LYS G 4 26.61 -37.59 12.30
C LYS G 4 26.02 -36.26 11.82
N ALA G 5 24.71 -36.25 11.59
CA ALA G 5 24.05 -35.08 11.03
C ALA G 5 24.09 -33.90 12.00
N LYS G 6 24.43 -32.73 11.46
CA LYS G 6 24.43 -31.49 12.21
C LYS G 6 23.54 -30.50 11.47
N THR G 7 22.49 -30.01 12.12
CA THR G 7 21.59 -29.08 11.47
C THR G 7 22.32 -27.77 11.16
N ARG G 8 21.89 -27.11 10.10
CA ARG G 8 22.51 -25.86 9.71
C ARG G 8 22.25 -24.75 10.71
N SER G 9 21.14 -24.82 11.45
CA SER G 9 20.89 -23.83 12.50
C SER G 9 21.93 -23.92 13.59
N SER G 10 22.33 -25.15 13.96
CA SER G 10 23.39 -25.32 14.95
C SER G 10 24.72 -24.78 14.44
N ARG G 11 25.03 -24.99 13.16
CA ARG G 11 26.24 -24.43 12.58
C ARG G 11 26.21 -22.91 12.64
N ALA G 12 25.05 -22.31 12.34
CA ALA G 12 24.91 -20.86 12.36
C ALA G 12 24.72 -20.30 13.77
N GLY G 13 24.39 -21.15 14.75
CA GLY G 13 24.14 -20.65 16.08
C GLY G 13 22.76 -20.06 16.29
N LEU G 14 21.77 -20.50 15.52
CA LEU G 14 20.42 -19.96 15.59
C LEU G 14 19.44 -21.00 16.11
N GLN G 15 18.28 -20.54 16.54
CA GLN G 15 17.19 -21.41 16.94
C GLN G 15 16.02 -21.41 15.97
N PHE G 16 16.14 -20.69 14.86
CA PHE G 16 15.19 -20.74 13.76
C PHE G 16 15.70 -21.67 12.67
N PRO G 17 14.82 -22.32 11.90
CA PRO G 17 15.25 -23.39 11.00
C PRO G 17 15.86 -22.87 9.72
N VAL G 18 17.15 -23.10 9.53
CA VAL G 18 17.81 -22.71 8.28
C VAL G 18 17.33 -23.60 7.13
N GLY G 19 17.17 -24.91 7.39
CA GLY G 19 16.73 -25.81 6.35
C GLY G 19 15.30 -25.57 5.89
N ARG G 20 14.40 -25.34 6.84
CA ARG G 20 13.01 -25.02 6.47
C ARG G 20 12.92 -23.71 5.72
N VAL G 21 13.68 -22.70 6.14
CA VAL G 21 13.67 -21.42 5.44
C VAL G 21 14.25 -21.57 4.05
N HIS G 22 15.28 -22.40 3.90
CA HIS G 22 15.82 -22.68 2.57
C HIS G 22 14.78 -23.35 1.68
N ARG G 23 14.04 -24.31 2.23
CA ARG G 23 12.98 -24.96 1.46
C ARG G 23 11.88 -23.98 1.07
N LEU G 24 11.53 -23.08 1.99
CA LEU G 24 10.50 -22.09 1.70
C LEU G 24 10.95 -21.11 0.64
N LEU G 25 12.24 -20.77 0.63
CA LEU G 25 12.77 -19.89 -0.41
C LEU G 25 12.84 -20.62 -1.76
N ARG G 26 13.22 -21.90 -1.75
CA ARG G 26 13.35 -22.68 -2.96
C ARG G 26 12.01 -23.07 -3.56
N LYS G 27 10.95 -23.09 -2.76
CA LYS G 27 9.62 -23.45 -3.24
C LYS G 27 8.65 -22.30 -3.05
N GLY G 28 9.08 -21.09 -3.34
CA GLY G 28 8.25 -19.92 -3.11
C GLY G 28 8.16 -19.03 -4.32
N ASN G 29 8.81 -19.44 -5.41
CA ASN G 29 8.81 -18.70 -6.68
C ASN G 29 9.40 -17.30 -6.49
N TYR G 30 10.63 -17.27 -5.98
CA TYR G 30 11.37 -16.04 -5.74
C TYR G 30 12.51 -15.84 -6.72
N ALA G 31 13.27 -16.87 -7.02
CA ALA G 31 14.34 -16.80 -8.00
C ALA G 31 14.58 -18.21 -8.53
N GLU G 32 15.34 -18.27 -9.63
CA GLU G 32 15.70 -19.57 -10.19
C GLU G 32 16.56 -20.37 -9.23
N ARG G 33 17.48 -19.71 -8.53
CA ARG G 33 18.39 -20.37 -7.60
C ARG G 33 18.42 -19.60 -6.29
N VAL G 34 18.81 -20.29 -5.23
CA VAL G 34 18.92 -19.72 -3.90
C VAL G 34 20.32 -20.01 -3.35
N GLY G 35 21.00 -18.98 -2.88
CA GLY G 35 22.35 -19.13 -2.38
C GLY G 35 22.39 -19.86 -1.05
N ALA G 36 23.61 -20.28 -0.67
CA ALA G 36 23.80 -21.06 0.53
C ALA G 36 23.77 -20.23 1.81
N GLY G 37 23.95 -18.91 1.71
CA GLY G 37 23.94 -18.06 2.88
C GLY G 37 22.67 -17.26 3.05
N ALA G 38 21.77 -17.33 2.06
CA ALA G 38 20.49 -16.62 2.17
C ALA G 38 19.61 -17.17 3.28
N PRO G 39 19.38 -18.48 3.40
CA PRO G 39 18.55 -18.96 4.52
C PRO G 39 19.14 -18.64 5.88
N VAL G 40 20.46 -18.65 6.02
CA VAL G 40 21.09 -18.32 7.30
C VAL G 40 20.83 -16.86 7.67
N TYR G 41 21.01 -15.96 6.71
CA TYR G 41 20.75 -14.54 6.93
C TYR G 41 19.28 -14.30 7.29
N LEU G 42 18.37 -14.90 6.53
CA LEU G 42 16.96 -14.68 6.76
C LEU G 42 16.52 -15.24 8.11
N ALA G 43 17.01 -16.43 8.49
CA ALA G 43 16.67 -17.00 9.78
C ALA G 43 17.20 -16.14 10.92
N ALA G 44 18.43 -15.62 10.78
CA ALA G 44 18.98 -14.74 11.81
C ALA G 44 18.12 -13.49 11.98
N VAL G 45 17.72 -12.87 10.87
CA VAL G 45 16.90 -11.66 10.96
C VAL G 45 15.54 -11.94 11.59
N LEU G 46 14.91 -13.05 11.19
CA LEU G 46 13.61 -13.40 11.75
C LEU G 46 13.70 -13.67 13.24
N GLU G 47 14.75 -14.37 13.67
CA GLU G 47 14.95 -14.64 15.09
C GLU G 47 15.20 -13.36 15.87
N TYR G 48 15.96 -12.43 15.31
CA TYR G 48 16.19 -11.16 15.99
C TYR G 48 14.90 -10.40 16.20
N LEU G 49 14.07 -10.32 15.15
CA LEU G 49 12.79 -9.60 15.28
C LEU G 49 11.88 -10.27 16.30
N THR G 50 11.81 -11.61 16.27
CA THR G 50 11.02 -12.33 17.24
C THR G 50 11.49 -12.05 18.66
N ALA G 51 12.81 -12.04 18.87
CA ALA G 51 13.36 -11.79 20.21
C ALA G 51 13.00 -10.39 20.69
N GLU G 52 13.09 -9.40 19.80
CA GLU G 52 12.75 -8.03 20.20
C GLU G 52 11.29 -7.93 20.65
N ILE G 53 10.38 -8.44 19.82
CA ILE G 53 8.95 -8.35 20.16
C ILE G 53 8.66 -9.12 21.44
N LEU G 54 9.25 -10.31 21.60
CA LEU G 54 8.96 -11.12 22.77
C LEU G 54 9.52 -10.48 24.03
N GLU G 55 10.67 -9.84 23.95
CA GLU G 55 11.22 -9.12 25.11
C GLU G 55 10.28 -8.01 25.55
N LEU G 56 9.83 -7.18 24.61
CA LEU G 56 8.94 -6.08 24.99
C LEU G 56 7.60 -6.59 25.52
N ALA G 57 7.06 -7.64 24.89
CA ALA G 57 5.78 -8.20 25.33
C ALA G 57 5.90 -8.82 26.72
N GLY G 58 7.02 -9.49 27.00
CA GLY G 58 7.23 -10.03 28.34
C GLY G 58 7.36 -8.94 29.38
N ASN G 59 8.01 -7.83 29.03
CA ASN G 59 8.05 -6.69 29.94
C ASN G 59 6.65 -6.18 30.24
N ALA G 60 5.81 -6.05 29.22
CA ALA G 60 4.42 -5.62 29.43
C ALA G 60 3.66 -6.61 30.31
N ALA G 61 3.84 -7.90 30.07
CA ALA G 61 3.17 -8.92 30.88
C ALA G 61 3.58 -8.82 32.33
N ARG G 62 4.88 -8.64 32.59
CA ARG G 62 5.35 -8.47 33.96
C ARG G 62 4.78 -7.21 34.59
N ASP G 63 4.69 -6.14 33.81
CA ASP G 63 4.10 -4.90 34.32
C ASP G 63 2.65 -5.09 34.74
N ASN G 64 1.87 -5.87 33.98
CA ASN G 64 0.48 -6.13 34.34
C ASN G 64 0.33 -7.25 35.37
N LYS G 65 1.42 -7.64 36.03
CA LYS G 65 1.40 -8.70 37.04
C LYS G 65 0.90 -10.02 36.47
N LYS G 66 1.29 -10.32 35.24
CA LYS G 66 0.86 -11.53 34.54
C LYS G 66 2.07 -12.39 34.20
N THR G 67 1.86 -13.71 34.24
CA THR G 67 2.90 -14.68 33.92
C THR G 67 2.91 -15.03 32.43
N ARG G 68 1.78 -14.88 31.74
CA ARG G 68 1.64 -15.28 30.35
C ARG G 68 1.47 -14.06 29.47
N ILE G 69 1.95 -14.18 28.23
CA ILE G 69 1.73 -13.13 27.23
C ILE G 69 0.39 -13.36 26.55
N ILE G 70 -0.43 -12.32 26.50
CA ILE G 70 -1.71 -12.35 25.79
C ILE G 70 -1.60 -11.35 24.64
N PRO G 71 -2.53 -11.33 23.68
CA PRO G 71 -2.42 -10.37 22.58
C PRO G 71 -2.40 -8.91 23.04
N ARG G 72 -2.99 -8.60 24.19
CA ARG G 72 -2.91 -7.25 24.72
C ARG G 72 -1.47 -6.84 24.98
N HIS G 73 -0.68 -7.75 25.53
CA HIS G 73 0.73 -7.45 25.79
C HIS G 73 1.52 -7.27 24.51
N LEU G 74 1.22 -8.07 23.49
CA LEU G 74 1.86 -7.89 22.19
C LEU G 74 1.52 -6.53 21.58
N GLN G 75 0.26 -6.13 21.66
CA GLN G 75 -0.14 -4.82 21.16
C GLN G 75 0.54 -3.69 21.95
N LEU G 76 0.58 -3.82 23.28
CA LEU G 76 1.24 -2.81 24.10
C LEU G 76 2.72 -2.70 23.75
N ALA G 77 3.37 -3.84 23.52
CA ALA G 77 4.78 -3.84 23.15
C ALA G 77 5.00 -3.16 21.80
N VAL G 78 4.18 -3.52 20.80
CA VAL G 78 4.41 -3.02 19.45
C VAL G 78 4.10 -1.53 19.36
N ARG G 79 2.97 -1.10 19.93
CA ARG G 79 2.54 0.29 19.77
C ARG G 79 3.35 1.26 20.63
N ASN G 80 4.07 0.77 21.64
CA ASN G 80 4.90 1.62 22.48
C ASN G 80 6.34 1.69 21.99
N ASP G 81 6.68 0.98 20.92
CA ASP G 81 8.00 1.04 20.32
C ASP G 81 7.91 1.83 19.02
N GLU G 82 8.84 2.77 18.83
CA GLU G 82 8.77 3.64 17.66
C GLU G 82 9.01 2.88 16.37
N GLU G 83 9.89 1.87 16.39
CA GLU G 83 10.25 1.15 15.19
C GLU G 83 9.36 -0.05 14.91
N LEU G 84 8.92 -0.75 15.97
CA LEU G 84 7.98 -1.85 15.78
C LEU G 84 6.61 -1.32 15.34
N ASN G 85 6.26 -0.11 15.75
CA ASN G 85 5.04 0.51 15.28
C ASN G 85 5.16 0.93 13.82
N LYS G 86 6.37 1.29 13.39
CA LYS G 86 6.59 1.61 11.98
C LYS G 86 6.55 0.35 11.12
N LEU G 87 7.13 -0.74 11.61
CA LEU G 87 7.11 -1.99 10.86
C LEU G 87 5.68 -2.54 10.77
N LEU G 88 4.99 -2.61 11.89
CA LEU G 88 3.60 -3.08 11.92
C LEU G 88 2.63 -1.91 11.96
N GLY G 89 2.65 -1.12 10.90
CA GLY G 89 1.81 0.06 10.81
C GLY G 89 0.45 -0.21 10.19
N ARG G 90 0.42 -1.03 9.15
CA ARG G 90 -0.82 -1.46 8.51
C ARG G 90 -1.25 -2.84 8.99
N VAL G 91 -0.95 -3.19 10.23
CA VAL G 91 -1.19 -4.51 10.79
C VAL G 91 -2.13 -4.38 11.96
N THR G 92 -3.15 -5.24 12.01
CA THR G 92 -4.11 -5.30 13.09
C THR G 92 -3.84 -6.54 13.93
N ILE G 93 -3.74 -6.37 15.24
CA ILE G 93 -3.52 -7.46 16.16
C ILE G 93 -4.85 -7.76 16.85
N ALA G 94 -5.33 -8.99 16.68
CA ALA G 94 -6.64 -9.36 17.23
C ALA G 94 -6.60 -9.41 18.75
N GLN G 95 -7.66 -8.88 19.37
CA GLN G 95 -7.80 -8.82 20.83
C GLN G 95 -6.65 -8.04 21.48
N GLY G 96 -6.15 -7.02 20.79
CA GLY G 96 -5.09 -6.21 21.33
C GLY G 96 -5.57 -4.90 21.93
N GLY G 97 -6.69 -4.38 21.43
CA GLY G 97 -7.20 -3.13 21.94
C GLY G 97 -6.40 -1.94 21.42
N VAL G 98 -6.44 -0.85 22.18
CA VAL G 98 -5.77 0.38 21.82
C VAL G 98 -4.94 0.87 23.01
N LEU G 99 -4.01 1.77 22.71
CA LEU G 99 -3.24 2.43 23.76
C LEU G 99 -4.15 3.42 24.49
N PRO G 100 -4.06 3.51 25.82
CA PRO G 100 -4.81 4.54 26.54
C PRO G 100 -4.30 5.93 26.17
N ASN G 101 -5.19 6.74 25.58
CA ASN G 101 -4.80 8.07 25.13
C ASN G 101 -6.05 8.94 25.06
N ILE G 102 -6.16 9.89 25.98
CA ILE G 102 -7.24 10.88 25.99
C ILE G 102 -6.63 12.24 25.67
N GLN G 103 -7.27 12.98 24.78
CA GLN G 103 -6.77 14.29 24.38
C GLN G 103 -6.87 15.26 25.54
N SER G 104 -5.98 16.27 25.53
CA SER G 104 -5.89 17.19 26.65
C SER G 104 -7.08 18.12 26.75
N VAL G 105 -7.70 18.47 25.61
CA VAL G 105 -8.86 19.35 25.65
C VAL G 105 -10.09 18.66 26.21
N LEU G 106 -10.13 17.33 26.18
CA LEU G 106 -11.29 16.60 26.68
C LEU G 106 -11.31 16.49 28.19
N LEU G 107 -10.18 16.70 28.86
CA LEU G 107 -10.13 16.62 30.31
C LEU G 107 -10.83 17.82 30.93
N PRO G 108 -11.31 17.68 32.18
CA PRO G 108 -11.96 18.78 32.89
C PRO G 108 -11.06 20.00 33.06
N LYS H 3 -4.90 -36.45 11.32
CA LYS H 3 -4.86 -35.08 10.83
C LYS H 3 -3.57 -34.84 10.03
N THR H 4 -3.66 -34.00 9.00
CA THR H 4 -2.48 -33.64 8.23
C THR H 4 -1.57 -32.75 9.07
N ARG H 5 -0.29 -32.74 8.70
CA ARG H 5 0.72 -32.01 9.46
C ARG H 5 0.81 -30.58 8.94
N LYS H 6 0.48 -29.62 9.79
CA LYS H 6 0.61 -28.20 9.46
C LYS H 6 1.77 -27.63 10.27
N GLU H 7 2.78 -27.14 9.57
CA GLU H 7 3.98 -26.61 10.21
C GLU H 7 3.75 -25.16 10.62
N SER H 8 4.47 -24.74 11.66
CA SER H 8 4.40 -23.39 12.17
C SER H 8 5.73 -23.03 12.81
N TYR H 9 5.82 -21.82 13.36
CA TYR H 9 7.01 -21.33 14.03
C TYR H 9 6.88 -21.39 15.55
N ALA H 10 5.89 -22.12 16.06
CA ALA H 10 5.62 -22.09 17.50
C ALA H 10 6.82 -22.59 18.31
N ILE H 11 7.48 -23.64 17.84
CA ILE H 11 8.61 -24.21 18.58
C ILE H 11 9.73 -23.19 18.71
N TYR H 12 10.08 -22.53 17.61
CA TYR H 12 11.19 -21.58 17.62
C TYR H 12 10.82 -20.30 18.38
N VAL H 13 9.56 -19.86 18.26
CA VAL H 13 9.12 -18.71 19.02
C VAL H 13 9.19 -19.01 20.51
N TYR H 14 8.81 -20.22 20.92
CA TYR H 14 8.89 -20.58 22.33
C TYR H 14 10.35 -20.69 22.80
N LYS H 15 11.23 -21.21 21.94
CA LYS H 15 12.64 -21.26 22.29
C LYS H 15 13.20 -19.87 22.53
N VAL H 16 12.88 -18.93 21.63
CA VAL H 16 13.34 -17.56 21.79
C VAL H 16 12.75 -16.94 23.05
N LEU H 17 11.47 -17.20 23.32
CA LEU H 17 10.82 -16.68 24.52
C LEU H 17 11.53 -17.17 25.78
N LYS H 18 11.84 -18.46 25.84
CA LYS H 18 12.53 -18.98 27.01
C LYS H 18 13.97 -18.47 27.09
N GLN H 19 14.59 -18.11 25.96
CA GLN H 19 15.86 -17.38 26.04
C GLN H 19 15.69 -16.03 26.69
N VAL H 20 14.65 -15.29 26.28
CA VAL H 20 14.49 -13.91 26.76
C VAL H 20 13.93 -13.89 28.17
N HIS H 21 12.72 -14.42 28.35
CA HIS H 21 12.05 -14.46 29.65
C HIS H 21 11.86 -15.91 30.06
N PRO H 22 12.77 -16.48 30.86
CA PRO H 22 12.65 -17.91 31.21
C PRO H 22 11.40 -18.27 32.00
N ASP H 23 10.78 -17.31 32.69
CA ASP H 23 9.57 -17.59 33.46
C ASP H 23 8.29 -17.26 32.73
N THR H 24 8.32 -16.28 31.82
CA THR H 24 7.11 -15.85 31.14
C THR H 24 6.68 -16.89 30.10
N GLY H 25 5.37 -17.13 30.03
CA GLY H 25 4.78 -17.99 29.03
C GLY H 25 3.97 -17.20 28.02
N ILE H 26 3.36 -17.94 27.09
CA ILE H 26 2.58 -17.37 26.01
C ILE H 26 1.30 -18.17 25.85
N SER H 27 0.26 -17.52 25.31
CA SER H 27 -1.02 -18.14 25.10
C SER H 27 -1.17 -18.59 23.64
N SER H 28 -2.34 -19.13 23.32
CA SER H 28 -2.58 -19.65 21.98
C SER H 28 -2.74 -18.53 20.95
N LYS H 29 -3.52 -17.50 21.30
CA LYS H 29 -3.75 -16.41 20.35
C LYS H 29 -2.50 -15.57 20.15
N ALA H 30 -1.72 -15.35 21.23
CA ALA H 30 -0.47 -14.63 21.09
C ALA H 30 0.51 -15.41 20.22
N MET H 31 0.52 -16.75 20.36
CA MET H 31 1.37 -17.57 19.50
C MET H 31 0.91 -17.51 18.05
N SER H 32 -0.41 -17.47 17.81
CA SER H 32 -0.90 -17.27 16.46
C SER H 32 -0.44 -15.94 15.88
N ILE H 33 -0.50 -14.89 16.69
CA ILE H 33 -0.05 -13.57 16.23
C ILE H 33 1.43 -13.58 15.92
N MET H 34 2.23 -14.26 16.74
CA MET H 34 3.67 -14.33 16.51
C MET H 34 3.99 -15.12 15.25
N ASN H 35 3.27 -16.22 15.00
CA ASN H 35 3.45 -16.98 13.77
C ASN H 35 3.09 -16.13 12.56
N SER H 36 1.99 -15.38 12.63
CA SER H 36 1.62 -14.49 11.55
C SER H 36 2.68 -13.43 11.31
N PHE H 37 3.26 -12.89 12.39
CA PHE H 37 4.30 -11.88 12.26
C PHE H 37 5.53 -12.44 11.54
N VAL H 38 5.96 -13.64 11.93
CA VAL H 38 7.14 -14.23 11.31
C VAL H 38 6.88 -14.51 9.84
N ASN H 39 5.71 -15.05 9.52
CA ASN H 39 5.38 -15.30 8.12
C ASN H 39 5.33 -14.01 7.31
N ASP H 40 4.71 -12.97 7.86
CA ASP H 40 4.60 -11.70 7.16
C ASP H 40 5.96 -11.12 6.84
N VAL H 41 6.86 -11.13 7.81
CA VAL H 41 8.20 -10.58 7.58
C VAL H 41 8.98 -11.44 6.62
N PHE H 42 8.82 -12.77 6.68
CA PHE H 42 9.50 -13.64 5.73
C PHE H 42 9.09 -13.31 4.30
N GLU H 43 7.78 -13.24 4.04
CA GLU H 43 7.32 -12.91 2.69
C GLU H 43 7.77 -11.52 2.26
N ARG H 44 7.76 -10.54 3.17
CA ARG H 44 8.23 -9.21 2.80
C ARG H 44 9.68 -9.22 2.34
N ILE H 45 10.57 -9.80 3.16
CA ILE H 45 11.99 -9.78 2.82
C ILE H 45 12.26 -10.62 1.58
N ALA H 46 11.62 -11.77 1.47
CA ALA H 46 11.85 -12.64 0.32
C ALA H 46 11.37 -11.99 -0.98
N GLY H 47 10.21 -11.32 -0.95
CA GLY H 47 9.74 -10.63 -2.14
C GLY H 47 10.64 -9.46 -2.54
N GLU H 48 11.12 -8.70 -1.55
CA GLU H 48 12.04 -7.61 -1.87
C GLU H 48 13.33 -8.15 -2.48
N ALA H 49 13.86 -9.25 -1.93
CA ALA H 49 15.07 -9.83 -2.49
C ALA H 49 14.85 -10.39 -3.88
N SER H 50 13.68 -10.99 -4.14
CA SER H 50 13.36 -11.48 -5.46
C SER H 50 13.32 -10.34 -6.48
N ARG H 51 12.70 -9.22 -6.10
CA ARG H 51 12.69 -8.05 -6.99
C ARG H 51 14.10 -7.52 -7.22
N LEU H 52 14.92 -7.48 -6.17
CA LEU H 52 16.30 -7.01 -6.33
C LEU H 52 17.08 -7.88 -7.30
N ALA H 53 16.92 -9.20 -7.20
CA ALA H 53 17.60 -10.10 -8.12
C ALA H 53 17.10 -9.91 -9.55
N HIS H 54 15.79 -9.70 -9.72
CA HIS H 54 15.24 -9.49 -11.06
C HIS H 54 15.74 -8.18 -11.67
N TYR H 55 15.89 -7.14 -10.86
CA TYR H 55 16.32 -5.85 -11.36
C TYR H 55 17.71 -5.91 -11.99
N ASN H 56 18.61 -6.66 -11.37
CA ASN H 56 20.00 -6.73 -11.77
C ASN H 56 20.30 -7.86 -12.74
N LYS H 57 19.27 -8.58 -13.18
CA LYS H 57 19.39 -9.67 -14.14
C LYS H 57 20.26 -10.81 -13.60
N ARG H 58 19.85 -11.30 -12.43
CA ARG H 58 20.52 -12.42 -11.77
C ARG H 58 19.50 -13.48 -11.46
N SER H 59 19.94 -14.74 -11.48
CA SER H 59 19.07 -15.87 -11.19
C SER H 59 19.13 -16.34 -9.76
N THR H 60 20.05 -15.82 -8.95
CA THR H 60 20.30 -16.31 -7.61
C THR H 60 19.91 -15.27 -6.57
N ILE H 61 19.25 -15.71 -5.51
CA ILE H 61 19.05 -14.91 -4.31
C ILE H 61 20.17 -15.27 -3.34
N THR H 62 20.97 -14.28 -2.97
CA THR H 62 22.15 -14.51 -2.15
C THR H 62 22.01 -13.73 -0.85
N SER H 63 23.06 -13.79 -0.03
CA SER H 63 23.07 -13.03 1.21
C SER H 63 23.07 -11.53 0.95
N ARG H 64 23.64 -11.11 -0.18
CA ARG H 64 23.62 -9.69 -0.55
C ARG H 64 22.20 -9.22 -0.80
N GLU H 65 21.40 -10.02 -1.49
CA GLU H 65 20.01 -9.65 -1.75
C GLU H 65 19.20 -9.57 -0.46
N ILE H 66 19.39 -10.53 0.44
CA ILE H 66 18.67 -10.52 1.71
C ILE H 66 19.12 -9.33 2.56
N GLN H 67 20.41 -9.02 2.57
CA GLN H 67 20.90 -7.88 3.33
C GLN H 67 20.34 -6.57 2.80
N THR H 68 20.32 -6.41 1.48
CA THR H 68 19.76 -5.20 0.88
C THR H 68 18.26 -5.09 1.16
N ALA H 69 17.55 -6.22 1.11
CA ALA H 69 16.12 -6.21 1.40
C ALA H 69 15.86 -5.82 2.85
N VAL H 70 16.69 -6.32 3.78
CA VAL H 70 16.54 -5.96 5.19
C VAL H 70 16.81 -4.48 5.39
N ARG H 71 17.83 -3.95 4.71
CA ARG H 71 18.10 -2.52 4.78
C ARG H 71 16.95 -1.69 4.22
N LEU H 72 16.33 -2.18 3.14
CA LEU H 72 15.23 -1.44 2.52
C LEU H 72 13.97 -1.47 3.38
N LEU H 73 13.67 -2.60 4.04
CA LEU H 73 12.40 -2.76 4.71
C LEU H 73 12.42 -2.31 6.16
N LEU H 74 13.38 -2.79 6.94
CA LEU H 74 13.36 -2.55 8.38
C LEU H 74 13.70 -1.10 8.68
N PRO H 75 13.06 -0.50 9.70
CA PRO H 75 13.25 0.93 9.99
C PRO H 75 14.45 1.17 10.90
N GLY H 76 15.38 1.99 10.42
CA GLY H 76 16.42 2.57 11.26
C GLY H 76 17.32 1.62 12.02
N GLU H 77 17.23 1.66 13.36
CA GLU H 77 18.10 0.83 14.19
C GLU H 77 17.75 -0.64 14.07
N LEU H 78 16.49 -0.96 13.78
CA LEU H 78 16.12 -2.34 13.51
C LEU H 78 16.94 -2.92 12.37
N ALA H 79 17.09 -2.14 11.29
CA ALA H 79 17.87 -2.59 10.15
C ALA H 79 19.32 -2.81 10.52
N LYS H 80 19.92 -1.91 11.30
CA LYS H 80 21.32 -2.03 11.68
C LYS H 80 21.54 -3.28 12.52
N HIS H 81 20.69 -3.50 13.53
CA HIS H 81 20.86 -4.65 14.40
C HIS H 81 20.58 -5.95 13.64
N ALA H 82 19.59 -5.95 12.75
CA ALA H 82 19.31 -7.15 11.97
C ALA H 82 20.43 -7.47 11.00
N VAL H 83 21.04 -6.45 10.41
CA VAL H 83 22.18 -6.68 9.53
C VAL H 83 23.35 -7.25 10.32
N SER H 84 23.58 -6.72 11.53
CA SER H 84 24.62 -7.28 12.39
C SER H 84 24.36 -8.75 12.69
N GLU H 85 23.12 -9.07 13.08
CA GLU H 85 22.78 -10.46 13.40
C GLU H 85 22.96 -11.37 12.21
N GLY H 86 22.48 -10.96 11.04
CA GLY H 86 22.59 -11.80 9.86
C GLY H 86 24.02 -12.02 9.42
N THR H 87 24.83 -10.95 9.43
CA THR H 87 26.23 -11.08 9.06
C THR H 87 26.97 -11.98 10.04
N LYS H 88 26.71 -11.83 11.33
CA LYS H 88 27.34 -12.70 12.33
C LYS H 88 26.96 -14.15 12.11
N ALA H 89 25.67 -14.42 11.84
CA ALA H 89 25.23 -15.79 11.62
C ALA H 89 25.89 -16.39 10.38
N VAL H 90 25.96 -15.63 9.28
CA VAL H 90 26.55 -16.16 8.06
C VAL H 90 28.05 -16.40 8.24
N THR H 91 28.73 -15.50 8.96
CA THR H 91 30.16 -15.70 9.22
C THR H 91 30.38 -16.95 10.07
N LYS H 92 29.58 -17.13 11.12
CA LYS H 92 29.70 -18.33 11.96
C LYS H 92 29.42 -19.59 11.16
N TYR H 93 28.39 -19.55 10.30
CA TYR H 93 28.04 -20.72 9.50
C TYR H 93 29.15 -21.07 8.52
N THR H 94 29.73 -20.06 7.86
CA THR H 94 30.79 -20.31 6.90
C THR H 94 32.06 -20.81 7.58
N SER H 95 32.35 -20.30 8.79
CA SER H 95 33.51 -20.79 9.53
C SER H 95 33.38 -22.28 9.84
N ALA H 96 32.19 -22.71 10.26
CA ALA H 96 31.94 -24.12 10.56
C ALA H 96 31.29 -24.82 9.38
#